data_5Z7D
#
_entry.id   5Z7D
#
_cell.length_a   101.390
_cell.length_b   101.390
_cell.length_c   783.610
_cell.angle_alpha   90.000
_cell.angle_beta   90.000
_cell.angle_gamma   120.000
#
_symmetry.space_group_name_H-M   'P 65 2 2'
#
loop_
_entity.id
_entity.type
_entity.pdbx_description
1 polymer 'Interferon-activable protein 204'
2 polymer "DNA (5'-D(P*CP*CP*AP*TP*CP*AP*GP*AP*AP*AP*GP*AP*GP*AP*GP*C)-3')"
3 polymer "DNA (5'-D(P*CP*CP*AP*TP*CP*AP*GP*AP*AP*AP*GP*AP*GP*AP*GP*C)-3')"
#
loop_
_entity_poly.entity_id
_entity_poly.type
_entity_poly.pdbx_seq_one_letter_code
_entity_poly.pdbx_strand_id
1 'polypeptide(L)'
;GSVDQNIPRGAVLHSEPLTVMVLTATDPFEYESPEHEVKNMLHATVATVSQYFHVKVFNINLKEKFTKKNFIIISNYFES
KGILEINETSSVLEAAPDQMIEVPNSIIRNANASPKICDIQKGTSGAVFYGVFTLHKKTVNRKNTIYEIKDGSGSIEVVG
SGKWHNINCKEGDKLHLFCFHLKTIDRQPKLVCGEHSFIKISKRGNVPKEPAKEEDHHHGPKQVMVLKVTEPFTYDLKED
KRMFHATVATETEFFRVKVFDTALKSKFIPRNIIAISDYFGCNGFLEIYRASCVSDVNVNPTMVISNTLRQRANATPKIS
YLFSQARGTFVSGEYLVNKKTERNKFIYYGIGDDTGKMEVVVYGRLTNVRCEPGSKLRLVCFELTSTEDGWQLRSVRHSY
MQVINARKAAAS
;
A,B,C
2 'polydeoxyribonucleotide' (DC)(DC)(DA)(DT)(DC)(DA)(DG)(DA)(DA)(DA)(DG)(DA)(DG)(DA)(DG)(DC) I,K
3 'polydeoxyribonucleotide' (DG)(DC)(DT)(DC)(DT)(DC)(DT)(DT)(DT)(DC)(DT)(DG)(DA)(DT)(DG)(DG) J,L
#
# COMPACT_ATOMS: atom_id res chain seq x y z
N GLY A 10 -38.73 12.53 -1.00
CA GLY A 10 -38.88 12.47 0.45
C GLY A 10 -37.83 11.61 1.12
N ALA A 11 -38.19 11.08 2.29
CA ALA A 11 -37.32 10.15 3.01
C ALA A 11 -37.39 8.78 2.36
N VAL A 12 -36.37 7.95 2.63
CA VAL A 12 -36.43 6.55 2.26
C VAL A 12 -36.51 5.69 3.51
N LEU A 13 -37.01 4.47 3.33
CA LEU A 13 -37.32 3.57 4.44
C LEU A 13 -36.38 2.38 4.44
N HIS A 14 -35.73 2.15 5.57
CA HIS A 14 -34.87 0.98 5.78
C HIS A 14 -35.64 -0.03 6.62
N SER A 15 -36.04 -1.12 5.97
CA SER A 15 -36.86 -2.19 6.56
C SER A 15 -36.04 -3.23 7.32
N GLU A 16 -34.69 -3.34 7.05
CA GLU A 16 -34.04 -4.55 7.56
C GLU A 16 -33.44 -4.32 8.94
N PRO A 17 -33.44 -5.36 9.78
CA PRO A 17 -32.80 -5.23 11.10
C PRO A 17 -31.31 -4.92 10.99
N LEU A 18 -30.86 -4.01 11.84
CA LEU A 18 -29.47 -3.62 11.98
C LEU A 18 -29.11 -3.51 13.46
N THR A 19 -28.05 -4.19 13.89
CA THR A 19 -27.64 -4.12 15.30
C THR A 19 -26.66 -2.98 15.46
N VAL A 20 -26.86 -2.14 16.49
CA VAL A 20 -25.97 -1.03 16.78
C VAL A 20 -25.68 -0.89 18.28
N MET A 21 -24.55 -0.22 18.57
CA MET A 21 -24.18 0.20 19.91
C MET A 21 -24.45 1.69 20.05
N VAL A 22 -25.15 2.08 21.11
CA VAL A 22 -25.43 3.48 21.37
C VAL A 22 -24.16 4.21 21.83
N LEU A 23 -23.85 5.33 21.17
CA LEU A 23 -22.71 6.15 21.53
C LEU A 23 -23.11 7.36 22.37
N THR A 24 -24.15 8.10 21.98
CA THR A 24 -24.53 9.27 22.75
C THR A 24 -26.04 9.46 22.68
N ALA A 25 -26.57 10.19 23.66
CA ALA A 25 -27.96 10.62 23.68
C ALA A 25 -28.11 11.88 24.50
N THR A 26 -28.91 12.82 24.00
CA THR A 26 -29.29 14.01 24.75
C THR A 26 -30.39 13.69 25.76
N ASP A 27 -30.62 14.63 26.68
CA ASP A 27 -31.86 14.61 27.44
C ASP A 27 -33.04 14.90 26.51
N PRO A 28 -34.26 14.54 26.91
CA PRO A 28 -35.43 14.86 26.09
C PRO A 28 -35.64 16.37 26.00
N PHE A 29 -36.26 16.81 24.89
CA PHE A 29 -36.59 18.21 24.75
C PHE A 29 -37.84 18.38 23.89
N GLU A 30 -38.47 19.54 24.03
CA GLU A 30 -39.70 19.86 23.32
C GLU A 30 -39.41 20.23 21.87
N TYR A 31 -40.31 19.82 20.98
CA TYR A 31 -40.29 20.21 19.58
C TYR A 31 -41.71 20.21 19.04
N GLU A 32 -41.89 20.75 17.84
CA GLU A 32 -43.19 20.74 17.17
C GLU A 32 -43.18 19.65 16.10
N SER A 33 -44.23 18.83 16.07
CA SER A 33 -44.37 17.79 15.07
C SER A 33 -44.84 18.38 13.75
N PRO A 34 -44.84 17.59 12.66
CA PRO A 34 -45.33 18.13 11.38
C PRO A 34 -46.81 18.46 11.38
N GLU A 35 -47.59 17.89 12.30
CA GLU A 35 -49.00 18.21 12.50
C GLU A 35 -49.22 19.35 13.50
N HIS A 36 -48.16 20.08 13.87
CA HIS A 36 -48.29 21.30 14.66
C HIS A 36 -48.60 21.00 16.12
N GLU A 37 -48.11 19.85 16.60
CA GLU A 37 -48.24 19.45 17.99
C GLU A 37 -46.86 19.40 18.63
N VAL A 38 -46.75 19.87 19.85
CA VAL A 38 -45.51 19.86 20.61
C VAL A 38 -45.37 18.53 21.33
N LYS A 39 -44.21 17.88 21.18
CA LYS A 39 -43.94 16.58 21.76
C LYS A 39 -42.50 16.61 22.25
N ASN A 40 -42.04 15.49 22.79
CA ASN A 40 -40.65 15.35 23.19
C ASN A 40 -39.89 14.44 22.24
N MET A 41 -38.60 14.74 22.04
CA MET A 41 -37.73 13.89 21.27
C MET A 41 -36.35 13.93 21.89
N LEU A 42 -35.46 13.05 21.42
CA LEU A 42 -34.05 13.18 21.76
C LEU A 42 -33.20 12.87 20.54
N HIS A 43 -31.98 13.37 20.55
CA HIS A 43 -30.97 13.05 19.55
C HIS A 43 -30.03 11.99 20.10
N ALA A 44 -29.69 11.01 19.26
CA ALA A 44 -28.69 10.02 19.63
C ALA A 44 -27.69 9.85 18.49
N THR A 45 -26.54 9.29 18.84
CA THR A 45 -25.56 8.85 17.85
C THR A 45 -25.25 7.40 18.13
N VAL A 46 -25.47 6.53 17.13
CA VAL A 46 -25.19 5.12 17.28
C VAL A 46 -24.16 4.71 16.22
N ALA A 47 -23.57 3.54 16.42
CA ALA A 47 -22.60 3.02 15.46
C ALA A 47 -22.74 1.52 15.24
N THR A 48 -22.46 1.09 14.01
CA THR A 48 -22.22 -0.31 13.72
C THR A 48 -20.71 -0.55 13.70
N VAL A 49 -20.29 -1.74 13.30
CA VAL A 49 -18.86 -2.04 13.26
C VAL A 49 -18.14 -1.36 12.10
N SER A 50 -18.87 -0.85 11.10
CA SER A 50 -18.24 -0.19 9.97
C SER A 50 -18.62 1.27 9.79
N GLN A 51 -19.67 1.76 10.45
CA GLN A 51 -20.14 3.10 10.15
C GLN A 51 -20.89 3.63 11.37
N TYR A 52 -20.83 4.95 11.55
CA TYR A 52 -21.71 5.63 12.50
C TYR A 52 -22.90 6.29 11.81
N PHE A 53 -23.96 6.49 12.60
CA PHE A 53 -25.15 7.21 12.17
C PHE A 53 -25.61 8.19 13.24
N HIS A 54 -26.11 9.34 12.80
CA HIS A 54 -26.94 10.18 13.65
C HIS A 54 -28.37 9.67 13.61
N VAL A 55 -29.07 9.77 14.74
CA VAL A 55 -30.43 9.25 14.86
C VAL A 55 -31.30 10.29 15.55
N LYS A 56 -32.48 10.54 14.99
CA LYS A 56 -33.50 11.34 15.63
C LYS A 56 -34.50 10.36 16.25
N VAL A 57 -34.76 10.50 17.54
CA VAL A 57 -35.63 9.56 18.24
C VAL A 57 -36.90 10.27 18.72
N PHE A 58 -38.04 9.88 18.14
CA PHE A 58 -39.29 10.59 18.33
C PHE A 58 -40.21 9.85 19.31
N ASN A 59 -39.78 8.68 19.79
CA ASN A 59 -40.53 7.88 20.77
C ASN A 59 -39.78 7.87 22.10
N ILE A 60 -40.17 8.75 23.03
CA ILE A 60 -39.45 8.90 24.29
C ILE A 60 -39.54 7.68 25.20
N ASN A 61 -40.46 6.74 24.96
CA ASN A 61 -40.44 5.48 25.70
C ASN A 61 -39.21 4.62 25.46
N LEU A 62 -38.41 4.92 24.44
CA LEU A 62 -37.17 4.18 24.20
C LEU A 62 -35.99 4.80 24.95
N LYS A 63 -36.27 5.77 25.81
CA LYS A 63 -35.23 6.47 26.58
C LYS A 63 -34.24 5.52 27.22
N GLU A 64 -34.75 4.49 27.92
CA GLU A 64 -33.85 3.58 28.62
C GLU A 64 -33.01 2.74 27.65
N LYS A 65 -33.58 2.35 26.51
CA LYS A 65 -32.77 1.64 25.52
C LYS A 65 -31.69 2.53 24.91
N PHE A 66 -31.93 3.83 24.77
CA PHE A 66 -30.95 4.74 24.19
C PHE A 66 -30.02 5.34 25.25
N THR A 67 -29.26 4.44 25.87
CA THR A 67 -28.30 4.81 26.90
C THR A 67 -26.93 4.39 26.39
N LYS A 68 -25.91 5.19 26.72
CA LYS A 68 -24.55 4.92 26.30
C LYS A 68 -24.06 3.51 26.61
N LYS A 69 -23.28 2.97 25.68
CA LYS A 69 -22.69 1.63 25.79
C LYS A 69 -23.75 0.52 25.79
N ASN A 70 -25.03 0.84 25.61
CA ASN A 70 -26.06 -0.17 25.47
C ASN A 70 -26.06 -0.70 24.03
N PHE A 71 -26.37 -1.99 23.88
CA PHE A 71 -26.55 -2.59 22.57
C PHE A 71 -28.03 -2.81 22.23
N ILE A 72 -28.45 -2.31 21.05
CA ILE A 72 -29.85 -2.40 20.63
C ILE A 72 -29.93 -2.82 19.16
N ILE A 73 -31.10 -3.34 18.77
CA ILE A 73 -31.35 -3.82 17.41
C ILE A 73 -32.53 -3.02 16.83
N ILE A 74 -32.29 -2.32 15.73
CA ILE A 74 -33.28 -1.43 15.11
C ILE A 74 -33.79 -1.99 13.79
N SER A 75 -35.08 -1.80 13.52
CA SER A 75 -35.69 -2.16 12.25
C SER A 75 -36.89 -1.25 11.98
N ASN A 76 -37.36 -1.25 10.72
CA ASN A 76 -38.44 -0.35 10.30
C ASN A 76 -38.13 1.11 10.59
N TYR A 77 -36.89 1.52 10.32
CA TYR A 77 -36.49 2.90 10.55
C TYR A 77 -36.34 3.68 9.25
N PHE A 78 -36.26 5.01 9.36
CA PHE A 78 -36.26 5.92 8.24
C PHE A 78 -34.90 6.58 8.04
N GLU A 79 -34.73 7.15 6.85
CA GLU A 79 -33.55 7.94 6.49
C GLU A 79 -33.97 9.20 5.74
N SER A 80 -33.42 10.32 6.19
CA SER A 80 -33.57 11.60 5.52
C SER A 80 -32.22 12.29 5.55
N LYS A 81 -31.74 12.72 4.39
CA LYS A 81 -30.42 13.35 4.26
C LYS A 81 -29.34 12.51 4.93
N GLY A 82 -29.46 11.20 4.82
CA GLY A 82 -28.45 10.30 5.34
C GLY A 82 -28.54 10.05 6.83
N ILE A 83 -29.48 10.70 7.51
CA ILE A 83 -29.62 10.62 8.96
C ILE A 83 -30.82 9.74 9.28
N LEU A 84 -30.71 8.93 10.32
CA LEU A 84 -31.77 7.99 10.62
C LEU A 84 -32.85 8.66 11.47
N GLU A 85 -34.08 8.18 11.30
CA GLU A 85 -35.23 8.70 12.04
C GLU A 85 -36.04 7.52 12.58
N ILE A 86 -36.43 7.62 13.84
CA ILE A 86 -37.19 6.58 14.54
C ILE A 86 -38.49 7.19 15.02
N ASN A 87 -39.61 6.59 14.62
CA ASN A 87 -40.92 6.97 15.12
C ASN A 87 -41.62 5.77 15.76
N GLU A 88 -42.91 5.95 16.08
CA GLU A 88 -43.69 4.92 16.76
C GLU A 88 -43.83 3.64 15.96
N THR A 89 -43.56 3.66 14.65
CA THR A 89 -43.72 2.46 13.83
C THR A 89 -42.46 1.61 13.77
N SER A 90 -41.33 2.14 14.19
CA SER A 90 -40.08 1.40 14.12
C SER A 90 -39.99 0.45 15.32
N SER A 91 -39.11 -0.54 15.20
CA SER A 91 -38.87 -1.48 16.29
C SER A 91 -37.44 -1.31 16.78
N VAL A 92 -37.29 -1.25 18.11
CA VAL A 92 -35.99 -1.13 18.75
C VAL A 92 -35.99 -2.11 19.91
N LEU A 93 -35.24 -3.20 19.77
CA LEU A 93 -35.21 -4.25 20.78
C LEU A 93 -33.85 -4.28 21.49
N GLU A 94 -33.80 -5.08 22.55
CA GLU A 94 -32.63 -5.22 23.40
C GLU A 94 -31.80 -6.42 22.93
N ALA A 95 -30.56 -6.15 22.55
CA ALA A 95 -29.68 -7.20 22.04
C ALA A 95 -29.26 -8.15 23.16
N ALA A 96 -29.20 -9.44 22.83
CA ALA A 96 -28.65 -10.41 23.77
C ALA A 96 -27.14 -10.24 23.91
N PRO A 97 -26.55 -10.75 25.01
CA PRO A 97 -25.10 -10.58 25.21
C PRO A 97 -24.24 -11.14 24.09
N ASP A 98 -24.59 -12.31 23.54
CA ASP A 98 -23.82 -12.90 22.45
C ASP A 98 -24.12 -12.25 21.10
N GLN A 99 -24.90 -11.17 21.10
CA GLN A 99 -25.18 -10.41 19.90
C GLN A 99 -24.45 -9.07 19.91
N MET A 100 -23.59 -8.86 20.90
CA MET A 100 -22.84 -7.62 20.97
C MET A 100 -21.91 -7.50 19.78
N ILE A 101 -21.53 -6.27 19.48
CA ILE A 101 -20.57 -6.03 18.41
C ILE A 101 -19.41 -5.23 18.98
N GLU A 102 -18.28 -5.33 18.31
CA GLU A 102 -17.06 -4.65 18.71
C GLU A 102 -16.96 -3.43 17.79
N VAL A 103 -17.33 -2.27 18.30
CA VAL A 103 -17.38 -1.05 17.52
C VAL A 103 -16.00 -0.38 17.65
N PRO A 104 -15.25 -0.22 16.56
CA PRO A 104 -13.95 0.41 16.67
C PRO A 104 -14.05 1.82 17.24
N ASN A 105 -13.03 2.17 18.02
CA ASN A 105 -12.95 3.49 18.64
C ASN A 105 -12.88 4.60 17.59
N SER A 106 -12.30 4.30 16.43
CA SER A 106 -12.25 5.29 15.36
C SER A 106 -13.65 5.78 14.98
N ILE A 107 -14.64 4.88 15.04
CA ILE A 107 -16.00 5.25 14.68
C ILE A 107 -16.57 6.19 15.72
N ILE A 108 -16.28 5.92 17.00
CA ILE A 108 -16.75 6.80 18.08
C ILE A 108 -16.09 8.17 17.92
N ARG A 109 -14.82 8.16 17.53
CA ARG A 109 -14.07 9.39 17.31
C ARG A 109 -14.71 10.22 16.21
N ASN A 110 -15.01 9.59 15.07
CA ASN A 110 -15.62 10.32 13.96
C ASN A 110 -17.03 10.77 14.30
N ALA A 111 -17.78 10.01 15.09
CA ALA A 111 -19.14 10.40 15.41
C ALA A 111 -19.17 11.61 16.32
N ASN A 112 -18.23 11.68 17.26
CA ASN A 112 -18.20 12.77 18.22
C ASN A 112 -17.40 13.96 17.69
N ALA A 113 -16.83 13.83 16.50
CA ALA A 113 -16.08 14.91 15.87
C ALA A 113 -17.01 15.91 15.20
N SER A 114 -16.69 17.17 15.34
CA SER A 114 -17.38 18.30 14.72
C SER A 114 -16.76 18.64 13.37
N PRO A 115 -17.58 19.14 12.44
CA PRO A 115 -17.03 19.60 11.15
C PRO A 115 -16.30 20.92 11.33
N LYS A 116 -15.32 21.16 10.45
CA LYS A 116 -14.66 22.46 10.44
C LYS A 116 -15.56 23.53 9.84
N ILE A 117 -15.54 24.72 10.45
CA ILE A 117 -16.32 25.86 9.95
C ILE A 117 -15.98 26.20 8.50
N CYS A 118 -14.70 26.12 8.10
CA CYS A 118 -14.39 26.43 6.71
C CYS A 118 -15.12 25.50 5.74
N ASP A 119 -15.34 24.26 6.13
CA ASP A 119 -16.07 23.31 5.30
C ASP A 119 -17.57 23.46 5.45
N ILE A 120 -18.04 23.83 6.64
CA ILE A 120 -19.45 24.19 6.79
C ILE A 120 -19.83 25.33 5.87
N GLN A 121 -18.95 26.35 5.76
CA GLN A 121 -19.24 27.49 4.90
C GLN A 121 -19.37 27.09 3.43
N LYS A 122 -18.83 25.95 3.04
CA LYS A 122 -18.92 25.46 1.68
C LYS A 122 -20.20 24.66 1.41
N GLY A 123 -20.99 24.40 2.45
CA GLY A 123 -22.13 23.51 2.32
C GLY A 123 -23.20 24.07 1.39
N THR A 124 -23.99 23.15 0.84
CA THR A 124 -25.20 23.51 0.12
C THR A 124 -26.32 23.88 1.08
N SER A 125 -27.25 24.71 0.59
CA SER A 125 -28.41 25.12 1.37
C SER A 125 -29.24 23.93 1.82
N GLY A 126 -29.60 23.92 3.10
CA GLY A 126 -30.39 22.86 3.69
C GLY A 126 -29.62 21.70 4.29
N ALA A 127 -28.29 21.69 4.17
CA ALA A 127 -27.48 20.61 4.72
C ALA A 127 -27.59 20.59 6.23
N VAL A 128 -27.52 19.40 6.82
CA VAL A 128 -27.74 19.24 8.25
C VAL A 128 -26.38 18.96 8.90
N PHE A 129 -26.14 19.59 10.05
CA PHE A 129 -24.87 19.50 10.74
C PHE A 129 -25.06 19.32 12.24
N TYR A 130 -24.08 18.67 12.87
CA TYR A 130 -24.03 18.51 14.32
C TYR A 130 -22.62 18.89 14.75
N GLY A 131 -22.47 19.36 15.98
CA GLY A 131 -21.13 19.58 16.50
C GLY A 131 -21.14 20.47 17.71
N VAL A 132 -19.94 20.62 18.30
CA VAL A 132 -19.74 21.44 19.49
C VAL A 132 -18.80 22.57 19.12
N PHE A 133 -19.23 23.82 19.33
CA PHE A 133 -18.41 24.95 18.92
C PHE A 133 -18.40 26.04 19.97
N THR A 134 -17.30 26.80 20.01
CA THR A 134 -17.15 27.93 20.92
C THR A 134 -17.86 29.18 20.40
N LEU A 135 -18.62 29.83 21.28
CA LEU A 135 -19.32 31.06 20.97
C LEU A 135 -18.40 32.27 21.08
N HIS A 136 -18.24 33.00 19.97
CA HIS A 136 -17.41 34.20 19.90
C HIS A 136 -18.18 35.49 20.16
N LYS A 137 -19.39 35.63 19.62
CA LYS A 137 -20.17 36.85 19.81
C LYS A 137 -21.67 36.53 19.74
N LYS A 138 -22.46 37.23 20.56
CA LYS A 138 -23.91 37.05 20.61
C LYS A 138 -24.64 38.38 20.46
N THR A 139 -25.63 38.42 19.55
CA THR A 139 -26.46 39.60 19.34
C THR A 139 -27.91 39.18 19.47
N VAL A 140 -28.61 39.69 20.48
CA VAL A 140 -29.99 39.31 20.78
C VAL A 140 -30.95 40.34 20.18
N ASN A 141 -31.73 39.94 19.18
CA ASN A 141 -32.69 40.83 18.55
C ASN A 141 -34.08 40.59 19.18
N ARG A 142 -35.11 41.14 18.54
CA ARG A 142 -36.47 40.99 19.09
C ARG A 142 -36.98 39.56 19.00
N LYS A 143 -36.78 38.89 17.86
CA LYS A 143 -37.41 37.60 17.61
C LYS A 143 -36.42 36.46 17.38
N ASN A 144 -35.14 36.75 17.22
CA ASN A 144 -34.13 35.71 17.11
C ASN A 144 -32.81 36.23 17.67
N THR A 145 -31.82 35.34 17.73
CA THR A 145 -30.51 35.68 18.25
C THR A 145 -29.44 35.20 17.28
N ILE A 146 -28.44 36.05 17.03
CA ILE A 146 -27.30 35.72 16.20
C ILE A 146 -26.16 35.34 17.14
N TYR A 147 -25.75 34.07 17.08
CA TYR A 147 -24.61 33.56 17.81
C TYR A 147 -23.46 33.38 16.82
N GLU A 148 -22.45 34.25 16.86
CA GLU A 148 -21.34 34.10 15.94
C GLU A 148 -20.37 33.15 16.63
N ILE A 149 -20.21 31.95 16.06
CA ILE A 149 -19.31 30.94 16.59
C ILE A 149 -18.02 30.87 15.78
N LYS A 150 -16.96 30.35 16.43
CA LYS A 150 -15.63 30.36 15.83
C LYS A 150 -14.90 29.09 16.21
N ASP A 151 -14.13 28.54 15.28
CA ASP A 151 -13.16 27.50 15.57
C ASP A 151 -11.88 27.83 14.81
N GLY A 152 -10.95 26.86 14.78
CA GLY A 152 -9.66 27.16 14.19
C GLY A 152 -9.70 27.35 12.70
N SER A 153 -10.85 27.11 12.09
CA SER A 153 -10.98 27.14 10.65
C SER A 153 -11.79 28.34 10.18
N GLY A 154 -12.44 29.07 11.09
CA GLY A 154 -13.25 30.18 10.65
C GLY A 154 -14.35 30.49 11.65
N SER A 155 -15.26 31.38 11.22
CA SER A 155 -16.40 31.80 12.02
C SER A 155 -17.66 31.78 11.15
N ILE A 156 -18.80 31.55 11.79
CA ILE A 156 -20.09 31.58 11.10
C ILE A 156 -21.17 32.04 12.07
N GLU A 157 -22.22 32.69 11.54
CA GLU A 157 -23.36 33.08 12.35
C GLU A 157 -24.39 31.95 12.44
N VAL A 158 -24.89 31.70 13.65
CA VAL A 158 -25.98 30.78 13.95
C VAL A 158 -27.24 31.54 14.37
N VAL A 159 -28.35 31.29 13.68
CA VAL A 159 -29.61 31.99 13.94
C VAL A 159 -30.52 31.08 14.75
N GLY A 160 -30.83 31.52 15.97
CA GLY A 160 -31.74 30.81 16.86
C GLY A 160 -33.06 31.56 16.99
N SER A 161 -34.18 30.84 16.92
CA SER A 161 -35.48 31.43 17.18
C SER A 161 -36.31 30.50 18.08
N GLY A 162 -37.48 31.00 18.48
CA GLY A 162 -38.41 30.23 19.27
C GLY A 162 -37.83 29.82 20.62
N LYS A 163 -37.82 28.51 20.88
CA LYS A 163 -37.25 28.00 22.12
C LYS A 163 -35.80 28.44 22.29
N TRP A 164 -35.03 28.38 21.20
CA TRP A 164 -33.60 28.66 21.20
C TRP A 164 -33.29 30.14 21.07
N HIS A 165 -34.30 31.00 21.22
CA HIS A 165 -34.07 32.43 21.27
C HIS A 165 -33.68 32.85 22.67
N ASN A 166 -32.62 33.66 22.75
CA ASN A 166 -32.23 34.35 23.99
C ASN A 166 -32.04 33.37 25.13
N ILE A 167 -31.28 32.31 24.87
CA ILE A 167 -30.98 31.34 25.91
C ILE A 167 -29.88 31.88 26.80
N ASN A 168 -29.73 31.28 27.98
CA ASN A 168 -28.84 31.80 29.01
C ASN A 168 -27.42 31.30 28.77
N CYS A 169 -26.66 32.06 27.99
CA CYS A 169 -25.28 31.71 27.69
C CYS A 169 -24.49 33.00 27.49
N LYS A 170 -23.16 32.86 27.47
CA LYS A 170 -22.28 34.01 27.31
C LYS A 170 -21.10 33.63 26.44
N GLU A 171 -20.40 34.65 25.92
CA GLU A 171 -19.22 34.40 25.10
C GLU A 171 -18.23 33.54 25.88
N GLY A 172 -17.63 32.57 25.21
CA GLY A 172 -16.67 31.68 25.82
C GLY A 172 -17.26 30.33 26.20
N ASP A 173 -18.58 30.27 26.35
CA ASP A 173 -19.30 29.05 26.64
C ASP A 173 -19.17 28.09 25.44
N LYS A 174 -19.35 26.80 25.68
CA LYS A 174 -19.43 25.85 24.58
C LYS A 174 -20.90 25.56 24.24
N LEU A 175 -21.24 25.65 22.95
CA LEU A 175 -22.56 25.29 22.47
C LEU A 175 -22.48 23.98 21.72
N HIS A 176 -23.20 22.96 22.18
CA HIS A 176 -23.40 21.74 21.42
C HIS A 176 -24.67 21.88 20.60
N LEU A 177 -24.50 21.97 19.28
CA LEU A 177 -25.57 22.18 18.31
C LEU A 177 -25.95 20.86 17.65
N PHE A 178 -27.26 20.57 17.60
CA PHE A 178 -27.79 19.39 16.94
C PHE A 178 -28.75 19.79 15.83
N CYS A 179 -28.46 19.35 14.60
CA CYS A 179 -29.39 19.41 13.46
C CYS A 179 -29.81 20.84 13.11
N PHE A 180 -28.82 21.68 12.81
CA PHE A 180 -29.09 22.99 12.24
C PHE A 180 -28.91 22.97 10.72
N HIS A 181 -29.79 23.69 10.02
CA HIS A 181 -29.76 23.74 8.56
C HIS A 181 -28.92 24.92 8.07
N LEU A 182 -28.72 24.99 6.75
CA LEU A 182 -27.89 26.02 6.15
C LEU A 182 -28.73 26.95 5.28
N LYS A 183 -28.54 28.26 5.45
CA LYS A 183 -29.20 29.27 4.64
C LYS A 183 -28.24 30.41 4.36
N THR A 184 -28.26 30.91 3.12
CA THR A 184 -27.47 32.08 2.74
C THR A 184 -28.23 33.37 3.08
N ILE A 185 -27.59 34.25 3.87
CA ILE A 185 -28.19 35.53 4.27
C ILE A 185 -27.17 36.65 4.11
N ASP A 186 -27.53 37.69 3.35
CA ASP A 186 -26.63 38.79 2.97
C ASP A 186 -25.43 38.28 2.18
N ARG A 187 -25.63 37.19 1.44
CA ARG A 187 -24.55 36.60 0.65
C ARG A 187 -23.57 35.81 1.52
N GLN A 188 -23.75 35.88 2.83
CA GLN A 188 -22.88 35.18 3.77
C GLN A 188 -23.57 33.90 4.21
N PRO A 189 -22.87 32.77 4.20
CA PRO A 189 -23.49 31.53 4.69
C PRO A 189 -23.78 31.65 6.18
N LYS A 190 -24.98 31.23 6.58
CA LYS A 190 -25.34 31.13 7.98
C LYS A 190 -25.98 29.78 8.26
N LEU A 191 -25.92 29.39 9.52
CA LEU A 191 -26.64 28.25 10.06
C LEU A 191 -27.91 28.76 10.73
N VAL A 192 -29.01 28.02 10.56
CA VAL A 192 -30.31 28.42 11.10
C VAL A 192 -30.94 27.22 11.79
N CYS A 193 -31.79 27.50 12.77
CA CYS A 193 -32.44 26.41 13.50
C CYS A 193 -33.54 25.77 12.67
N GLY A 194 -33.82 24.49 12.96
CA GLY A 194 -34.95 23.80 12.37
C GLY A 194 -35.81 22.99 13.34
N GLU A 195 -36.72 22.19 12.78
CA GLU A 195 -37.69 21.45 13.57
C GLU A 195 -37.05 20.63 14.69
N HIS A 196 -35.87 20.07 14.45
CA HIS A 196 -35.24 19.12 15.36
C HIS A 196 -33.95 19.65 15.99
N SER A 197 -33.71 20.95 15.94
CA SER A 197 -32.48 21.49 16.50
C SER A 197 -32.46 21.40 18.02
N PHE A 198 -31.25 21.34 18.58
CA PHE A 198 -31.07 21.24 20.02
C PHE A 198 -29.75 21.91 20.41
N ILE A 199 -29.71 22.58 21.56
CA ILE A 199 -28.48 23.16 22.07
C ILE A 199 -28.26 22.69 23.50
N LYS A 200 -27.02 22.29 23.80
CA LYS A 200 -26.59 21.99 25.16
C LYS A 200 -25.36 22.79 25.51
N ILE A 201 -25.34 23.43 26.67
CA ILE A 201 -24.29 24.40 27.00
C ILE A 201 -23.29 23.67 27.90
N SER A 202 -21.99 23.87 27.62
CA SER A 202 -20.91 23.21 28.41
C SER A 202 -19.95 24.24 29.03
N LYS A 203 -20.35 24.84 30.16
CA LYS A 203 -19.53 25.81 30.93
C LYS A 203 -19.09 27.00 30.06
N ARG A 204 -17.87 27.51 30.29
CA ARG A 204 -17.31 28.67 29.56
C ARG A 204 -15.79 28.48 29.37
N GLY A 205 -14.98 29.42 29.85
CA GLY A 205 -13.54 29.31 29.71
C GLY A 205 -12.80 29.99 30.84
N ASN A 206 -13.21 29.74 32.07
CA ASN A 206 -12.59 30.33 33.26
C ASN A 206 -11.89 29.22 34.03
N VAL A 207 -10.62 29.00 33.70
CA VAL A 207 -9.81 27.98 34.38
C VAL A 207 -8.47 28.59 34.75
N PRO A 208 -8.18 28.80 36.03
CA PRO A 208 -6.93 29.42 36.44
C PRO A 208 -5.76 28.44 36.36
N LYS A 209 -4.56 29.01 36.52
CA LYS A 209 -3.32 28.23 36.51
C LYS A 209 -2.17 29.02 37.09
N GLU A 210 -2.38 29.59 38.30
CA GLU A 210 -1.41 30.36 39.06
C GLU A 210 -1.11 31.70 38.38
N PRO A 211 -0.71 32.72 39.14
CA PRO A 211 -0.50 34.04 38.56
C PRO A 211 0.69 34.08 37.61
N ALA A 212 0.84 35.23 36.96
CA ALA A 212 1.94 35.48 36.05
C ALA A 212 3.10 36.15 36.78
N LYS A 213 4.24 36.26 36.08
CA LYS A 213 5.45 36.79 36.68
C LYS A 213 5.56 38.31 36.50
N GLU A 214 6.41 38.73 35.55
CA GLU A 214 6.72 40.13 35.30
C GLU A 214 7.41 40.77 36.51
N GLU A 215 7.93 41.98 36.35
CA GLU A 215 8.66 42.64 37.42
C GLU A 215 8.72 44.14 37.23
N ASP A 216 8.47 44.60 36.00
CA ASP A 216 8.55 46.02 35.71
C ASP A 216 7.50 46.80 36.51
N HIS A 217 7.81 48.06 36.78
CA HIS A 217 6.90 48.94 37.51
C HIS A 217 5.59 49.08 36.76
N HIS A 218 4.61 48.22 37.07
CA HIS A 218 3.32 48.25 36.35
C HIS A 218 2.62 49.56 36.71
N HIS A 219 2.45 50.45 35.74
CA HIS A 219 1.77 51.75 36.01
C HIS A 219 0.27 51.57 35.76
N GLY A 220 -0.14 50.42 35.22
CA GLY A 220 -1.55 50.16 34.92
C GLY A 220 -2.33 49.77 36.15
N PRO A 221 -3.68 49.74 36.09
CA PRO A 221 -4.51 49.36 37.22
C PRO A 221 -5.08 47.96 36.98
N LYS A 222 -5.59 47.32 38.03
CA LYS A 222 -6.19 45.96 37.91
C LYS A 222 -7.27 45.81 38.96
N GLN A 223 -8.45 46.38 38.72
CA GLN A 223 -9.59 46.32 39.66
C GLN A 223 -9.82 44.87 40.09
N VAL A 224 -9.20 44.44 41.19
CA VAL A 224 -9.39 43.03 41.64
C VAL A 224 -10.24 43.04 42.90
N MET A 225 -10.78 41.87 43.25
CA MET A 225 -11.57 41.68 44.46
C MET A 225 -10.70 41.02 45.51
N VAL A 226 -10.81 41.50 46.75
CA VAL A 226 -10.07 40.92 47.85
C VAL A 226 -10.74 39.62 48.25
N LEU A 227 -9.98 38.53 48.22
CA LEU A 227 -10.45 37.19 48.57
C LEU A 227 -10.12 36.87 50.03
N LYS A 228 -8.83 36.86 50.36
CA LYS A 228 -8.34 36.49 51.67
C LYS A 228 -7.29 37.50 52.11
N VAL A 229 -7.13 37.65 53.43
CA VAL A 229 -6.13 38.55 54.00
C VAL A 229 -5.64 37.94 55.31
N THR A 230 -4.42 38.30 55.70
CA THR A 230 -3.84 37.93 56.99
C THR A 230 -3.72 39.14 57.90
N GLU A 231 -3.75 38.89 59.21
CA GLU A 231 -3.43 39.93 60.18
C GLU A 231 -2.05 40.50 59.85
N PRO A 232 -1.79 41.76 60.18
CA PRO A 232 -0.44 42.29 60.00
C PRO A 232 0.53 41.65 60.98
N PHE A 233 1.80 41.54 60.55
CA PHE A 233 2.82 40.95 61.41
C PHE A 233 4.15 41.63 61.14
N THR A 234 5.08 41.43 62.07
CA THR A 234 6.42 42.00 61.97
C THR A 234 7.33 40.98 61.29
N TYR A 235 7.76 41.28 60.06
CA TYR A 235 8.66 40.37 59.36
C TYR A 235 10.12 40.71 59.56
N ASP A 236 10.42 41.88 60.12
CA ASP A 236 11.78 42.25 60.50
C ASP A 236 11.73 42.78 61.92
N LEU A 237 12.38 42.07 62.85
CA LEU A 237 12.26 42.38 64.27
C LEU A 237 13.09 43.60 64.64
N LYS A 238 14.20 43.82 63.94
CA LYS A 238 15.10 44.91 64.26
C LYS A 238 14.44 46.28 64.14
N GLU A 239 13.90 46.56 62.95
CA GLU A 239 13.24 47.83 62.66
C GLU A 239 11.71 47.76 62.78
N ASP A 240 11.16 46.63 63.21
CA ASP A 240 9.70 46.47 63.40
C ASP A 240 8.95 46.69 62.09
N LYS A 241 9.47 46.12 61.01
CA LYS A 241 8.83 46.24 59.70
C LYS A 241 7.61 45.33 59.65
N ARG A 242 6.50 45.85 59.14
CA ARG A 242 5.22 45.15 59.15
C ARG A 242 4.76 44.85 57.73
N MET A 243 4.07 43.72 57.58
CA MET A 243 3.47 43.35 56.30
C MET A 243 2.29 42.42 56.56
N PHE A 244 1.44 42.26 55.55
CA PHE A 244 0.49 41.16 55.55
C PHE A 244 0.37 40.58 54.15
N HIS A 245 -0.21 39.38 54.08
CA HIS A 245 -0.45 38.69 52.82
C HIS A 245 -1.93 38.73 52.49
N ALA A 246 -2.24 38.77 51.20
CA ALA A 246 -3.61 38.71 50.72
C ALA A 246 -3.68 37.89 49.45
N THR A 247 -4.82 37.25 49.23
CA THR A 247 -5.14 36.65 47.94
C THR A 247 -6.26 37.45 47.31
N VAL A 248 -6.09 37.87 46.07
CA VAL A 248 -7.09 38.66 45.36
C VAL A 248 -7.33 38.00 44.02
N ALA A 249 -8.43 38.37 43.36
CA ALA A 249 -8.74 37.77 42.07
C ALA A 249 -9.36 38.81 41.15
N THR A 250 -8.92 38.81 39.89
CA THR A 250 -9.72 39.45 38.85
C THR A 250 -10.81 38.47 38.44
N GLU A 251 -11.56 38.80 37.39
CA GLU A 251 -12.59 37.88 36.93
C GLU A 251 -11.99 36.61 36.33
N THR A 252 -10.90 36.73 35.57
CA THR A 252 -10.27 35.54 34.99
C THR A 252 -9.01 35.04 35.70
N GLU A 253 -8.49 35.75 36.70
CA GLU A 253 -7.20 35.37 37.27
C GLU A 253 -7.18 35.69 38.76
N PHE A 254 -6.32 34.99 39.51
CA PHE A 254 -6.07 35.38 40.89
C PHE A 254 -4.59 35.66 41.08
N PHE A 255 -4.28 36.56 42.01
CA PHE A 255 -2.92 36.97 42.30
C PHE A 255 -2.71 36.99 43.81
N ARG A 256 -1.53 36.61 44.27
CA ARG A 256 -1.15 36.74 45.67
C ARG A 256 -0.36 38.04 45.86
N VAL A 257 -0.78 38.84 46.83
CA VAL A 257 -0.26 40.18 47.05
C VAL A 257 0.40 40.21 48.42
N LYS A 258 1.60 40.78 48.48
CA LYS A 258 2.26 41.08 49.74
C LYS A 258 2.16 42.59 49.92
N VAL A 259 1.50 43.01 50.99
CA VAL A 259 1.27 44.42 51.29
C VAL A 259 2.20 44.83 52.43
N PHE A 260 3.16 45.70 52.10
CA PHE A 260 4.19 46.17 53.03
C PHE A 260 3.81 47.49 53.68
N ASP A 261 2.68 48.08 53.31
CA ASP A 261 2.10 49.22 54.02
C ASP A 261 0.79 48.76 54.65
N THR A 262 0.80 48.61 55.97
CA THR A 262 -0.32 47.95 56.64
C THR A 262 -1.49 48.89 56.89
N ALA A 263 -1.36 50.18 56.57
CA ALA A 263 -2.51 51.08 56.60
C ALA A 263 -3.62 50.56 55.70
N LEU A 264 -3.27 49.78 54.67
CA LEU A 264 -4.24 49.24 53.74
C LEU A 264 -5.09 48.14 54.37
N LYS A 265 -4.79 47.73 55.61
CA LYS A 265 -5.59 46.73 56.29
C LYS A 265 -7.08 47.07 56.22
N SER A 266 -7.43 48.34 56.42
CA SER A 266 -8.83 48.73 56.35
C SER A 266 -9.41 48.56 54.96
N LYS A 267 -8.58 48.73 53.92
CA LYS A 267 -9.05 48.54 52.55
C LYS A 267 -9.03 47.08 52.10
N PHE A 268 -8.18 46.23 52.69
CA PHE A 268 -8.18 44.82 52.31
C PHE A 268 -9.03 44.06 53.32
N ILE A 269 -10.23 43.73 52.89
CA ILE A 269 -11.25 43.00 53.64
C ILE A 269 -11.86 42.09 52.57
N PRO A 270 -12.17 40.83 52.88
CA PRO A 270 -12.84 39.99 51.88
C PRO A 270 -14.12 40.64 51.36
N ARG A 271 -14.40 40.40 50.09
CA ARG A 271 -15.50 40.93 49.27
C ARG A 271 -15.30 42.37 48.82
N ASN A 272 -14.35 43.12 49.37
CA ASN A 272 -14.14 44.50 48.93
C ASN A 272 -13.42 44.48 47.59
N ILE A 273 -13.78 45.42 46.72
CA ILE A 273 -13.18 45.53 45.38
C ILE A 273 -12.29 46.76 45.33
N ILE A 274 -11.04 46.56 44.90
CA ILE A 274 -10.00 47.58 44.94
C ILE A 274 -9.26 47.60 43.61
N ALA A 275 -8.58 48.72 43.36
CA ALA A 275 -7.71 48.90 42.20
C ALA A 275 -6.27 49.05 42.66
N ILE A 276 -5.39 48.21 42.10
CA ILE A 276 -3.98 48.17 42.48
C ILE A 276 -3.15 48.72 41.33
N SER A 277 -2.44 49.82 41.59
CA SER A 277 -1.53 50.41 40.62
C SER A 277 -0.10 50.34 41.13
N ASP A 278 0.84 50.64 40.24
CA ASP A 278 2.27 50.75 40.56
C ASP A 278 2.75 49.58 41.42
N TYR A 279 2.43 48.37 40.98
CA TYR A 279 2.80 47.18 41.73
C TYR A 279 3.97 46.48 41.04
N PHE A 280 4.68 45.66 41.80
CA PHE A 280 5.89 44.99 41.32
C PHE A 280 5.76 43.48 41.45
N GLY A 281 5.95 42.77 40.33
CA GLY A 281 6.15 41.33 40.37
C GLY A 281 7.52 40.98 40.92
N CYS A 282 7.57 40.16 41.97
CA CYS A 282 8.83 39.58 42.43
C CYS A 282 8.58 38.17 42.95
N ASN A 283 9.40 37.22 42.48
CA ASN A 283 9.36 35.83 42.92
C ASN A 283 7.95 35.25 42.86
N GLY A 284 7.17 35.70 41.87
CA GLY A 284 5.82 35.21 41.65
C GLY A 284 4.74 35.89 42.47
N PHE A 285 5.07 36.94 43.21
CA PHE A 285 4.10 37.68 43.99
C PHE A 285 3.97 39.10 43.45
N LEU A 286 2.89 39.78 43.85
CA LEU A 286 2.68 41.19 43.53
C LEU A 286 2.92 42.03 44.78
N GLU A 287 3.56 43.18 44.60
CA GLU A 287 4.05 44.00 45.70
C GLU A 287 3.49 45.41 45.60
N ILE A 288 3.07 45.95 46.74
CA ILE A 288 2.51 47.29 46.87
C ILE A 288 3.35 48.05 47.89
N TYR A 289 4.06 49.08 47.44
CA TYR A 289 4.94 49.85 48.31
C TYR A 289 4.33 51.11 48.91
N ARG A 290 3.13 51.54 48.48
CA ARG A 290 2.59 52.77 49.04
C ARG A 290 1.07 52.76 48.99
N ALA A 291 0.48 53.49 49.94
CA ALA A 291 -0.96 53.55 50.13
C ALA A 291 -1.71 54.15 48.94
N SER A 292 -1.09 55.05 48.20
CA SER A 292 -1.77 55.67 47.06
C SER A 292 -2.05 54.71 45.91
N CYS A 293 -1.50 53.50 45.94
CA CYS A 293 -1.77 52.51 44.91
C CYS A 293 -3.17 51.91 44.97
N VAL A 294 -3.86 52.03 46.10
CA VAL A 294 -5.10 51.30 46.39
C VAL A 294 -6.19 52.28 46.80
N SER A 295 -7.37 52.15 46.20
CA SER A 295 -8.55 52.93 46.56
C SER A 295 -9.71 52.01 46.89
N ASP A 296 -10.33 52.27 48.05
CA ASP A 296 -11.43 51.58 48.72
C ASP A 296 -12.77 51.66 48.00
N VAL A 297 -12.86 52.26 46.81
CA VAL A 297 -14.17 52.66 46.29
C VAL A 297 -14.90 51.60 45.48
N ASN A 298 -14.26 50.46 45.18
CA ASN A 298 -14.92 49.40 44.43
C ASN A 298 -15.71 49.88 43.22
N VAL A 299 -15.15 50.82 42.45
CA VAL A 299 -15.82 51.44 41.31
C VAL A 299 -16.30 50.46 40.24
N ASN A 300 -16.43 49.19 40.58
CA ASN A 300 -16.97 48.17 39.67
C ASN A 300 -17.81 47.19 40.48
N PRO A 301 -18.95 47.65 41.00
CA PRO A 301 -19.72 46.85 41.98
C PRO A 301 -20.13 45.47 41.49
N THR A 302 -20.22 45.26 40.18
CA THR A 302 -20.67 43.98 39.63
C THR A 302 -19.60 42.92 39.47
N MET A 303 -18.33 43.19 39.80
CA MET A 303 -17.27 42.23 39.49
C MET A 303 -17.67 40.86 40.04
N VAL A 304 -17.52 39.84 39.21
CA VAL A 304 -17.91 38.48 39.55
C VAL A 304 -16.70 37.55 39.46
N ILE A 305 -16.48 36.77 40.51
CA ILE A 305 -15.41 35.78 40.53
C ILE A 305 -16.10 34.43 40.55
N SER A 306 -15.93 33.67 39.46
CA SER A 306 -16.57 32.37 39.33
C SER A 306 -16.18 31.43 40.46
N ASN A 307 -17.12 30.58 40.85
CA ASN A 307 -16.85 29.60 41.91
C ASN A 307 -15.68 28.69 41.54
N THR A 308 -15.51 28.39 40.25
CA THR A 308 -14.37 27.58 39.83
C THR A 308 -13.06 28.29 40.16
N LEU A 309 -13.03 29.60 39.95
CA LEU A 309 -11.82 30.37 40.22
C LEU A 309 -11.63 30.57 41.71
N ARG A 310 -12.71 30.77 42.45
CA ARG A 310 -12.62 30.92 43.90
C ARG A 310 -12.09 29.65 44.55
N GLN A 311 -12.76 28.52 44.31
CA GLN A 311 -12.36 27.24 44.86
C GLN A 311 -10.94 26.84 44.44
N ARG A 312 -10.64 27.01 43.15
CA ARG A 312 -9.32 26.63 42.58
C ARG A 312 -8.20 27.51 43.14
N ALA A 313 -8.49 28.77 43.45
CA ALA A 313 -7.48 29.70 43.95
C ALA A 313 -7.09 29.40 45.39
N ASN A 314 -7.98 28.78 46.17
CA ASN A 314 -7.67 28.43 47.55
C ASN A 314 -7.17 27.01 47.70
N ALA A 315 -7.02 26.27 46.60
CA ALA A 315 -6.65 24.86 46.65
C ALA A 315 -5.24 24.71 47.19
N THR A 316 -5.06 23.75 48.10
CA THR A 316 -3.73 23.38 48.56
C THR A 316 -3.14 22.26 47.70
N PRO A 317 -1.94 22.45 47.14
CA PRO A 317 -1.34 21.41 46.30
C PRO A 317 -1.05 20.14 47.07
N LYS A 318 -1.35 19.01 46.44
CA LYS A 318 -1.00 17.71 46.99
C LYS A 318 0.52 17.53 47.08
N ILE A 319 0.95 16.91 48.18
CA ILE A 319 2.37 16.72 48.45
C ILE A 319 3.09 15.99 47.32
N SER A 320 2.49 14.92 46.78
CA SER A 320 3.13 14.24 45.66
C SER A 320 3.26 15.18 44.47
N TYR A 321 2.32 16.12 44.33
CA TYR A 321 2.43 17.10 43.25
C TYR A 321 3.58 18.05 43.56
N LEU A 322 3.76 18.37 44.84
CA LEU A 322 4.85 19.24 45.27
C LEU A 322 6.19 18.59 44.99
N PHE A 323 6.24 17.26 45.01
CA PHE A 323 7.50 16.56 44.74
C PHE A 323 7.97 16.82 43.31
N SER A 324 7.04 17.15 42.42
CA SER A 324 7.35 17.45 41.03
C SER A 324 7.63 18.92 40.78
N GLN A 325 7.37 19.80 41.75
CA GLN A 325 7.57 21.22 41.50
C GLN A 325 9.03 21.61 41.64
N ALA A 326 9.41 22.69 40.95
CA ALA A 326 10.76 23.20 40.97
C ALA A 326 11.16 23.75 42.34
N ARG A 327 12.38 23.43 42.75
CA ARG A 327 12.91 23.91 44.02
C ARG A 327 13.13 25.42 43.95
N GLY A 328 12.80 26.11 45.03
CA GLY A 328 12.92 27.55 45.13
C GLY A 328 11.62 28.30 44.98
N THR A 329 10.57 27.65 44.51
CA THR A 329 9.26 28.28 44.43
C THR A 329 8.72 28.49 45.83
N PHE A 330 7.84 29.48 45.99
CA PHE A 330 7.24 29.78 47.28
C PHE A 330 5.83 29.18 47.33
N VAL A 331 5.52 28.50 48.43
CA VAL A 331 4.33 27.66 48.56
C VAL A 331 3.47 28.10 49.73
N SER A 332 2.16 28.08 49.52
CA SER A 332 1.16 28.27 50.56
C SER A 332 0.23 27.06 50.54
N GLY A 333 -0.18 26.59 51.71
CA GLY A 333 -1.05 25.43 51.78
C GLY A 333 -1.36 25.09 53.22
N GLU A 334 -2.40 24.29 53.39
CA GLU A 334 -2.81 23.80 54.70
C GLU A 334 -2.54 22.30 54.78
N TYR A 335 -1.73 21.89 55.76
CA TYR A 335 -1.33 20.50 55.90
C TYR A 335 -1.51 20.04 57.35
N LEU A 336 -1.73 18.73 57.52
CA LEU A 336 -1.87 18.13 58.84
C LEU A 336 -0.52 17.81 59.49
N VAL A 337 -0.37 18.18 60.76
CA VAL A 337 0.88 17.98 61.50
C VAL A 337 0.81 16.66 62.27
N ASN A 338 1.80 15.79 62.05
CA ASN A 338 1.88 14.51 62.75
C ASN A 338 2.98 14.49 63.81
N LYS A 339 4.24 14.67 63.41
CA LYS A 339 5.39 14.67 64.32
C LYS A 339 5.85 16.09 64.62
N LYS A 340 6.30 16.30 65.85
CA LYS A 340 6.96 17.53 66.27
C LYS A 340 8.24 17.25 67.05
N THR A 341 9.38 17.71 66.55
CA THR A 341 10.62 17.62 67.32
C THR A 341 11.34 18.94 67.23
N GLU A 342 12.15 19.27 68.23
CA GLU A 342 12.87 20.54 68.27
C GLU A 342 14.35 20.34 68.54
N ARG A 343 15.21 20.92 67.70
CA ARG A 343 16.65 20.83 67.90
C ARG A 343 17.29 22.20 67.76
N ASN A 344 17.90 22.70 68.84
CA ASN A 344 18.70 23.94 68.89
C ASN A 344 18.08 25.12 68.13
N LYS A 345 16.81 25.42 68.42
CA LYS A 345 15.97 26.50 67.88
C LYS A 345 15.33 26.18 66.54
N PHE A 346 15.64 25.06 65.91
CA PHE A 346 14.87 24.62 64.76
C PHE A 346 13.71 23.80 65.28
N ILE A 347 12.54 23.96 64.67
CA ILE A 347 11.41 23.09 64.96
C ILE A 347 11.09 22.32 63.69
N TYR A 348 11.07 21.00 63.79
CA TYR A 348 10.81 20.11 62.66
C TYR A 348 9.39 19.58 62.86
N TYR A 349 8.47 20.03 62.00
CA TYR A 349 7.08 19.58 62.02
C TYR A 349 6.89 18.59 60.88
N GLY A 350 6.69 17.31 61.21
CA GLY A 350 6.33 16.34 60.20
C GLY A 350 4.93 16.63 59.68
N ILE A 351 4.78 16.80 58.37
CA ILE A 351 3.46 16.99 57.80
C ILE A 351 3.21 15.92 56.74
N GLY A 352 1.94 15.71 56.42
CA GLY A 352 1.56 14.70 55.46
C GLY A 352 0.17 14.90 54.94
N ASP A 353 -0.11 14.22 53.83
CA ASP A 353 -1.47 14.08 53.29
C ASP A 353 -1.55 12.70 52.64
N ASP A 354 -2.63 12.46 51.90
CA ASP A 354 -2.79 11.18 51.22
C ASP A 354 -1.67 10.92 50.21
N THR A 355 -1.08 11.98 49.65
CA THR A 355 -0.05 11.82 48.63
C THR A 355 1.33 11.48 49.19
N GLY A 356 1.66 11.95 50.40
CA GLY A 356 2.97 11.66 50.93
C GLY A 356 3.23 12.45 52.21
N LYS A 357 4.52 12.48 52.59
CA LYS A 357 4.96 13.06 53.85
C LYS A 357 6.23 13.85 53.61
N MET A 358 6.41 14.92 54.37
CA MET A 358 7.62 15.73 54.29
C MET A 358 7.80 16.49 55.60
N GLU A 359 8.83 17.33 55.66
CA GLU A 359 9.16 18.06 56.88
C GLU A 359 9.03 19.56 56.65
N VAL A 360 8.39 20.24 57.59
CA VAL A 360 8.41 21.70 57.68
C VAL A 360 9.45 22.11 58.71
N VAL A 361 10.43 22.90 58.27
CA VAL A 361 11.51 23.37 59.14
C VAL A 361 11.24 24.84 59.46
N VAL A 362 11.15 25.16 60.75
CA VAL A 362 10.81 26.51 61.20
C VAL A 362 11.94 27.02 62.07
N TYR A 363 12.43 28.22 61.75
CA TYR A 363 13.45 28.90 62.54
C TYR A 363 13.02 30.35 62.81
N GLY A 364 13.52 30.89 63.91
CA GLY A 364 13.29 32.28 64.26
C GLY A 364 11.93 32.57 64.89
N ARG A 365 11.41 33.76 64.57
CA ARG A 365 10.21 34.27 65.23
C ARG A 365 9.02 33.31 65.16
N LEU A 366 8.89 32.60 64.05
CA LEU A 366 7.74 31.70 63.88
C LEU A 366 7.83 30.47 64.76
N THR A 367 8.92 30.37 65.52
CA THR A 367 9.11 29.25 66.48
C THR A 367 8.25 29.54 67.71
N ASN A 368 7.70 30.76 67.82
CA ASN A 368 6.86 31.13 68.94
C ASN A 368 5.43 30.68 68.75
N VAL A 369 5.10 30.20 67.54
CA VAL A 369 3.76 29.68 67.26
C VAL A 369 3.62 28.31 67.90
N ARG A 370 2.60 28.17 68.76
CA ARG A 370 2.34 26.94 69.49
C ARG A 370 1.63 25.93 68.60
N CYS A 371 2.27 24.78 68.38
CA CYS A 371 1.72 23.70 67.57
C CYS A 371 2.12 22.36 68.17
N GLU A 372 1.16 21.46 68.26
CA GLU A 372 1.38 20.11 68.77
C GLU A 372 0.78 19.10 67.80
N PRO A 373 1.22 17.84 67.87
CA PRO A 373 0.65 16.81 66.99
C PRO A 373 -0.88 16.79 67.05
N GLY A 374 -1.49 16.55 65.90
CA GLY A 374 -2.92 16.58 65.74
C GLY A 374 -3.46 17.90 65.23
N SER A 375 -2.72 18.99 65.41
CA SER A 375 -3.13 20.29 64.90
C SER A 375 -2.82 20.41 63.41
N LYS A 376 -3.59 21.26 62.72
CA LYS A 376 -3.43 21.52 61.30
C LYS A 376 -2.77 22.87 61.08
N LEU A 377 -1.68 22.89 60.31
CA LEU A 377 -0.89 24.10 60.07
C LEU A 377 -1.22 24.73 58.71
N ARG A 378 -1.60 26.01 58.73
CA ARG A 378 -1.77 26.83 57.54
C ARG A 378 -0.50 27.64 57.28
N LEU A 379 0.18 27.34 56.17
CA LEU A 379 1.44 27.95 55.78
C LEU A 379 1.25 28.94 54.63
N VAL A 380 1.81 30.14 54.79
CA VAL A 380 1.82 31.16 53.75
C VAL A 380 3.26 31.58 53.46
N CYS A 381 3.64 31.51 52.18
CA CYS A 381 4.97 31.94 51.68
C CYS A 381 6.12 31.22 52.38
N PHE A 382 6.19 29.90 52.18
CA PHE A 382 7.32 29.10 52.63
C PHE A 382 8.16 28.67 51.44
N GLU A 383 9.47 28.55 51.63
CA GLU A 383 10.35 28.15 50.54
C GLU A 383 10.49 26.63 50.50
N LEU A 384 10.27 26.04 49.32
CA LEU A 384 10.42 24.60 49.10
C LEU A 384 11.87 24.22 48.85
N THR A 385 12.42 23.31 49.67
CA THR A 385 13.76 22.80 49.44
C THR A 385 13.76 21.29 49.59
N SER A 386 14.92 20.68 49.36
CA SER A 386 15.07 19.24 49.57
C SER A 386 16.48 18.91 50.03
N THR A 387 16.60 17.79 50.73
CA THR A 387 17.87 17.18 51.06
C THR A 387 17.83 15.72 50.61
N GLU A 388 18.92 15.00 50.89
CA GLU A 388 18.99 13.59 50.53
C GLU A 388 17.93 12.78 51.25
N ASP A 389 17.52 13.20 52.43
CA ASP A 389 16.57 12.44 53.22
C ASP A 389 15.12 12.82 52.94
N GLY A 390 14.84 13.89 52.19
CA GLY A 390 13.45 14.19 51.90
C GLY A 390 13.25 15.63 51.50
N TRP A 391 11.98 16.03 51.49
CA TRP A 391 11.60 17.38 51.09
C TRP A 391 11.21 18.19 52.33
N GLN A 392 11.53 19.49 52.31
CA GLN A 392 11.20 20.38 53.42
C GLN A 392 10.55 21.67 52.93
N LEU A 393 9.74 22.27 53.80
CA LEU A 393 9.26 23.64 53.66
C LEU A 393 9.88 24.52 54.74
N ARG A 394 10.72 25.47 54.35
CA ARG A 394 11.45 26.31 55.30
C ARG A 394 10.88 27.72 55.39
N SER A 395 10.79 28.20 56.63
CA SER A 395 10.43 29.59 56.90
C SER A 395 11.50 30.51 56.34
N VAL A 396 11.05 31.60 55.72
CA VAL A 396 11.95 32.62 55.20
C VAL A 396 11.48 33.99 55.71
N ARG A 397 12.15 35.03 55.23
CA ARG A 397 11.94 36.38 55.76
C ARG A 397 10.46 36.77 55.74
N HIS A 398 9.76 36.41 54.66
CA HIS A 398 8.37 36.79 54.47
C HIS A 398 7.37 35.70 54.91
N SER A 399 7.84 34.59 55.47
CA SER A 399 6.95 33.50 55.87
C SER A 399 5.93 33.93 56.93
N TYR A 400 4.74 33.33 56.85
CA TYR A 400 3.71 33.44 57.88
C TYR A 400 3.09 32.06 58.06
N MET A 401 2.66 31.73 59.28
CA MET A 401 1.88 30.51 59.48
C MET A 401 1.00 30.63 60.72
N GLN A 402 -0.08 29.84 60.75
CA GLN A 402 -0.89 29.75 61.96
C GLN A 402 -1.55 28.39 62.06
N VAL A 403 -1.98 28.05 63.29
CA VAL A 403 -2.76 26.86 63.60
C VAL A 403 -4.26 27.13 63.55
N ILE A 404 -5.02 26.23 62.94
CA ILE A 404 -6.48 26.35 62.92
C ILE A 404 -7.06 25.31 63.86
N GLY B 10 -12.49 37.67 -9.79
CA GLY B 10 -11.11 37.62 -9.34
C GLY B 10 -10.97 37.21 -7.89
N ALA B 11 -9.72 37.03 -7.44
CA ALA B 11 -9.43 36.64 -6.08
C ALA B 11 -9.14 37.87 -5.22
N VAL B 12 -8.62 37.64 -4.02
CA VAL B 12 -8.31 38.71 -3.08
C VAL B 12 -6.82 38.75 -2.85
N LEU B 13 -6.32 39.93 -2.46
CA LEU B 13 -4.89 40.18 -2.30
C LEU B 13 -4.66 40.78 -0.91
N HIS B 14 -3.82 40.12 -0.12
CA HIS B 14 -3.48 40.57 1.23
C HIS B 14 -2.10 41.21 1.18
N SER B 15 -2.05 42.54 1.27
CA SER B 15 -0.81 43.29 1.12
C SER B 15 -0.21 43.71 2.47
N GLU B 16 -0.38 42.90 3.51
CA GLU B 16 0.16 43.23 4.82
C GLU B 16 0.88 42.04 5.43
N PRO B 17 1.91 42.29 6.23
CA PRO B 17 2.62 41.19 6.90
C PRO B 17 1.70 40.44 7.84
N LEU B 18 1.73 39.11 7.73
CA LEU B 18 0.99 38.22 8.64
C LEU B 18 1.91 37.07 9.01
N THR B 19 2.06 36.82 10.30
CA THR B 19 2.94 35.77 10.80
C THR B 19 2.19 34.46 10.93
N VAL B 20 2.85 33.37 10.50
CA VAL B 20 2.28 32.02 10.55
C VAL B 20 3.37 31.06 11.03
N MET B 21 2.94 29.86 11.42
CA MET B 21 3.82 28.77 11.79
C MET B 21 3.59 27.61 10.82
N VAL B 22 4.64 27.21 10.11
CA VAL B 22 4.52 26.14 9.12
C VAL B 22 4.21 24.83 9.82
N LEU B 23 3.17 24.14 9.35
CA LEU B 23 2.81 22.85 9.90
C LEU B 23 3.36 21.73 9.03
N THR B 24 2.61 21.35 8.00
CA THR B 24 3.04 20.32 7.06
C THR B 24 3.46 20.95 5.74
N ALA B 25 4.32 20.23 5.02
CA ALA B 25 4.82 20.69 3.73
C ALA B 25 5.26 19.49 2.92
N THR B 26 4.73 19.38 1.71
CA THR B 26 5.05 18.26 0.83
C THR B 26 6.30 18.58 0.01
N ASP B 27 6.64 17.70 -0.92
CA ASP B 27 7.80 17.85 -1.77
C ASP B 27 7.41 18.51 -3.09
N PRO B 28 8.38 19.10 -3.79
CA PRO B 28 8.06 19.75 -5.07
C PRO B 28 7.47 18.78 -6.08
N PHE B 29 6.46 19.26 -6.80
CA PHE B 29 5.83 18.50 -7.88
C PHE B 29 5.47 19.46 -9.01
N GLU B 30 5.33 18.91 -10.21
CA GLU B 30 5.08 19.72 -11.39
C GLU B 30 3.59 19.82 -11.69
N TYR B 31 3.19 20.96 -12.24
CA TYR B 31 1.80 21.21 -12.60
C TYR B 31 1.77 21.99 -13.91
N GLU B 32 0.56 22.30 -14.37
CA GLU B 32 0.34 23.09 -15.57
C GLU B 32 -0.20 24.44 -15.12
N SER B 33 0.67 25.45 -15.09
CA SER B 33 0.36 26.80 -14.63
C SER B 33 -0.74 27.42 -15.47
N PRO B 34 -1.35 28.54 -15.03
CA PRO B 34 -2.41 29.18 -15.84
C PRO B 34 -2.03 29.44 -17.29
N GLU B 35 -0.75 29.72 -17.58
CA GLU B 35 -0.30 29.89 -18.95
C GLU B 35 -0.05 28.56 -19.66
N HIS B 36 -0.49 27.44 -19.09
CA HIS B 36 -0.31 26.11 -19.65
C HIS B 36 1.16 25.74 -19.82
N GLU B 37 2.05 26.44 -19.12
CA GLU B 37 3.43 26.03 -18.99
C GLU B 37 3.54 24.92 -17.96
N VAL B 38 4.64 24.17 -18.01
CA VAL B 38 4.91 23.12 -17.05
C VAL B 38 5.88 23.70 -16.03
N LYS B 39 5.35 24.09 -14.87
CA LYS B 39 6.13 24.68 -13.78
C LYS B 39 6.20 23.69 -12.61
N ASN B 40 6.74 24.18 -11.49
CA ASN B 40 6.85 23.41 -10.26
C ASN B 40 6.10 24.12 -9.14
N MET B 41 5.59 23.32 -8.20
CA MET B 41 4.90 23.86 -7.03
C MET B 41 4.92 22.81 -5.92
N LEU B 42 4.58 23.24 -4.71
CA LEU B 42 4.45 22.35 -3.57
C LEU B 42 3.36 22.86 -2.66
N HIS B 43 2.65 21.93 -2.02
CA HIS B 43 1.59 22.28 -1.09
C HIS B 43 2.15 22.43 0.31
N ALA B 44 1.41 23.17 1.14
CA ALA B 44 1.81 23.42 2.52
C ALA B 44 0.60 23.82 3.33
N THR B 45 0.61 23.47 4.60
CA THR B 45 -0.42 23.87 5.56
C THR B 45 0.24 24.70 6.65
N VAL B 46 -0.22 25.93 6.83
CA VAL B 46 0.31 26.83 7.84
C VAL B 46 -0.77 27.11 8.87
N ALA B 47 -0.40 27.83 9.92
CA ALA B 47 -1.33 28.11 11.01
C ALA B 47 -0.88 29.36 11.74
N THR B 48 -1.77 30.34 11.84
CA THR B 48 -1.58 31.48 12.74
C THR B 48 -1.88 31.01 14.17
N VAL B 49 -1.89 31.93 15.13
CA VAL B 49 -2.20 31.56 16.50
C VAL B 49 -3.68 31.19 16.65
N SER B 50 -4.55 31.76 15.80
CA SER B 50 -5.98 31.52 15.88
C SER B 50 -6.50 30.62 14.78
N GLN B 51 -6.15 30.89 13.52
CA GLN B 51 -6.66 30.14 12.39
C GLN B 51 -5.52 29.57 11.56
N TYR B 52 -5.67 28.31 11.16
CA TYR B 52 -4.73 27.70 10.22
C TYR B 52 -5.10 28.10 8.80
N PHE B 53 -4.17 27.85 7.87
CA PHE B 53 -4.39 28.18 6.48
C PHE B 53 -3.69 27.17 5.59
N HIS B 54 -4.42 26.63 4.62
CA HIS B 54 -3.78 25.89 3.53
C HIS B 54 -3.14 26.87 2.56
N VAL B 55 -1.95 26.54 2.09
CA VAL B 55 -1.16 27.47 1.28
C VAL B 55 -0.61 26.73 0.07
N LYS B 56 -0.66 27.39 -1.09
CA LYS B 56 0.00 26.92 -2.30
C LYS B 56 1.31 27.70 -2.50
N VAL B 57 2.28 27.04 -3.13
CA VAL B 57 3.60 27.62 -3.36
C VAL B 57 3.98 27.40 -4.82
N PHE B 58 3.80 28.41 -5.66
CA PHE B 58 4.14 28.31 -7.08
C PHE B 58 5.59 28.68 -7.37
N ASN B 59 6.31 29.25 -6.41
CA ASN B 59 7.72 29.60 -6.56
C ASN B 59 8.51 28.57 -5.76
N ILE B 60 9.06 27.57 -6.46
CA ILE B 60 9.70 26.45 -5.79
C ILE B 60 10.98 26.86 -5.08
N ASN B 61 11.56 28.02 -5.43
CA ASN B 61 12.80 28.47 -4.81
C ASN B 61 12.65 28.68 -3.30
N LEU B 62 11.42 28.86 -2.80
CA LEU B 62 11.14 28.91 -1.37
C LEU B 62 11.07 27.52 -0.74
N LYS B 63 11.75 26.51 -1.31
CA LYS B 63 11.64 25.13 -0.80
C LYS B 63 12.18 24.99 0.62
N GLU B 64 13.19 25.78 1.00
CA GLU B 64 13.80 25.64 2.33
C GLU B 64 13.01 26.35 3.42
N LYS B 65 12.38 27.49 3.10
CA LYS B 65 11.66 28.26 4.11
C LYS B 65 10.28 27.69 4.41
N PHE B 66 9.85 26.62 3.74
CA PHE B 66 8.61 25.93 4.08
C PHE B 66 8.92 24.61 4.76
N THR B 67 9.70 24.65 5.82
CA THR B 67 9.99 23.49 6.64
C THR B 67 9.20 23.58 7.94
N LYS B 68 8.78 22.42 8.45
CA LYS B 68 8.00 22.36 9.67
C LYS B 68 8.77 22.96 10.84
N LYS B 69 8.01 23.43 11.83
CA LYS B 69 8.53 24.06 13.05
C LYS B 69 9.26 25.38 12.77
N ASN B 70 9.06 25.97 11.60
CA ASN B 70 9.68 27.23 11.24
C ASN B 70 8.61 28.31 11.14
N PHE B 71 8.88 29.45 11.77
CA PHE B 71 7.97 30.59 11.75
C PHE B 71 8.37 31.55 10.64
N ILE B 72 7.39 32.01 9.86
CA ILE B 72 7.63 32.93 8.75
C ILE B 72 6.56 34.00 8.77
N ILE B 73 6.75 35.01 7.91
CA ILE B 73 5.81 36.13 7.76
C ILE B 73 5.60 36.35 6.27
N ILE B 74 4.34 36.46 5.85
CA ILE B 74 3.98 36.58 4.45
C ILE B 74 3.39 37.96 4.19
N SER B 75 3.71 38.52 3.03
CA SER B 75 3.20 39.81 2.61
C SER B 75 2.91 39.77 1.11
N ASN B 76 1.84 40.44 0.69
CA ASN B 76 1.43 40.48 -0.71
C ASN B 76 1.14 39.08 -1.25
N TYR B 77 0.18 38.41 -0.62
CA TYR B 77 -0.19 37.05 -0.97
C TYR B 77 -1.68 36.97 -1.29
N PHE B 78 -2.02 36.14 -2.28
CA PHE B 78 -3.39 35.95 -2.70
C PHE B 78 -4.13 34.98 -1.77
N GLU B 79 -5.44 34.84 -2.01
CA GLU B 79 -6.26 33.91 -1.25
C GLU B 79 -7.55 33.67 -2.04
N SER B 80 -8.04 32.42 -2.00
CA SER B 80 -9.28 32.08 -2.67
C SER B 80 -9.89 30.86 -1.97
N LYS B 81 -11.21 30.87 -1.84
CA LYS B 81 -11.96 29.80 -1.18
C LYS B 81 -11.40 29.52 0.21
N GLY B 82 -11.03 30.58 0.92
CA GLY B 82 -10.47 30.45 2.25
C GLY B 82 -9.13 29.75 2.30
N ILE B 83 -8.32 29.88 1.25
CA ILE B 83 -7.05 29.18 1.13
C ILE B 83 -6.01 30.14 0.57
N LEU B 84 -4.88 30.27 1.25
CA LEU B 84 -3.85 31.21 0.83
C LEU B 84 -3.09 30.68 -0.37
N GLU B 85 -2.47 31.61 -1.10
CA GLU B 85 -1.67 31.27 -2.28
C GLU B 85 -0.44 32.15 -2.33
N ILE B 86 0.66 31.56 -2.82
CA ILE B 86 1.95 32.23 -2.93
C ILE B 86 2.60 31.79 -4.23
N ASN B 87 2.80 32.74 -5.15
CA ASN B 87 3.47 32.50 -6.42
C ASN B 87 4.80 33.27 -6.44
N GLU B 88 5.27 33.62 -7.63
CA GLU B 88 6.51 34.37 -7.73
C GLU B 88 6.36 35.83 -7.31
N THR B 89 5.13 36.35 -7.32
CA THR B 89 4.87 37.73 -6.92
C THR B 89 4.35 37.78 -5.47
N SER B 90 5.18 37.31 -4.55
CA SER B 90 4.83 37.28 -3.13
C SER B 90 6.11 37.30 -2.30
N SER B 91 5.99 37.82 -1.09
CA SER B 91 7.13 38.03 -0.19
C SER B 91 6.96 37.16 1.05
N VAL B 92 7.80 36.14 1.17
CA VAL B 92 7.83 35.26 2.34
C VAL B 92 9.20 35.41 3.00
N LEU B 93 9.19 35.65 4.30
CA LEU B 93 10.42 35.90 5.06
C LEU B 93 10.44 35.04 6.31
N GLU B 94 11.62 34.49 6.62
CA GLU B 94 11.79 33.74 7.86
C GLU B 94 11.62 34.66 9.06
N ALA B 95 10.81 34.24 10.02
CA ALA B 95 10.58 35.02 11.23
C ALA B 95 11.63 34.68 12.28
N ALA B 96 12.23 35.71 12.86
CA ALA B 96 13.30 35.53 13.84
C ALA B 96 12.77 34.84 15.10
N PRO B 97 13.65 34.25 15.90
CA PRO B 97 13.19 33.61 17.15
C PRO B 97 12.49 34.55 18.11
N ASP B 98 12.72 35.86 18.02
CA ASP B 98 11.95 36.80 18.84
C ASP B 98 10.60 37.13 18.23
N GLN B 99 10.44 36.91 16.90
CA GLN B 99 9.15 37.00 16.24
C GLN B 99 8.40 35.68 16.25
N MET B 100 8.58 34.87 17.30
CA MET B 100 7.86 33.62 17.43
C MET B 100 6.40 33.86 17.79
N ILE B 101 5.50 33.26 17.04
CA ILE B 101 4.12 33.05 17.47
C ILE B 101 3.97 31.58 17.82
N GLU B 102 3.29 31.30 18.92
CA GLU B 102 3.11 29.94 19.40
C GLU B 102 1.69 29.48 19.06
N VAL B 103 1.58 28.55 18.11
CA VAL B 103 0.29 28.00 17.68
C VAL B 103 -0.05 26.84 18.59
N PRO B 104 -1.23 26.82 19.20
CA PRO B 104 -1.55 25.76 20.18
C PRO B 104 -1.63 24.39 19.53
N ASN B 105 -1.66 23.38 20.40
CA ASN B 105 -1.79 22.00 19.95
C ASN B 105 -3.15 21.70 19.33
N SER B 106 -4.15 22.56 19.59
CA SER B 106 -5.49 22.34 19.04
C SER B 106 -5.52 22.57 17.54
N ILE B 107 -4.83 23.61 17.06
CA ILE B 107 -4.74 23.82 15.61
C ILE B 107 -3.94 22.71 14.95
N ILE B 108 -3.01 22.10 15.69
CA ILE B 108 -2.23 20.99 15.15
C ILE B 108 -3.09 19.75 15.00
N ARG B 109 -3.86 19.42 16.04
CA ARG B 109 -4.77 18.28 15.96
C ARG B 109 -5.92 18.53 14.99
N ASN B 110 -6.27 19.79 14.73
CA ASN B 110 -7.42 20.13 13.92
C ASN B 110 -7.05 20.56 12.51
N ALA B 111 -5.77 20.57 12.17
CA ALA B 111 -5.36 20.82 10.79
C ALA B 111 -5.28 19.52 9.99
N ASN B 112 -4.63 18.50 10.56
CA ASN B 112 -4.51 17.21 9.89
C ASN B 112 -5.79 16.38 9.98
N ALA B 113 -6.79 16.84 10.73
CA ALA B 113 -8.06 16.13 10.81
C ALA B 113 -8.80 16.25 9.48
N SER B 114 -9.03 15.12 8.83
CA SER B 114 -9.71 15.13 7.55
C SER B 114 -11.22 15.31 7.75
N PRO B 115 -11.87 16.07 6.88
CA PRO B 115 -13.33 16.24 7.02
C PRO B 115 -14.06 14.94 6.76
N LYS B 116 -15.13 14.72 7.52
CA LYS B 116 -15.94 13.52 7.35
C LYS B 116 -16.57 13.49 5.97
N ILE B 117 -16.77 12.28 5.45
CA ILE B 117 -17.26 12.11 4.08
C ILE B 117 -18.68 12.64 3.95
N CYS B 118 -19.55 12.29 4.90
CA CYS B 118 -20.95 12.72 4.85
C CYS B 118 -21.06 14.23 4.72
N ASP B 119 -20.14 14.96 5.36
CA ASP B 119 -20.16 16.41 5.24
C ASP B 119 -19.62 16.88 3.88
N ILE B 120 -18.74 16.08 3.27
CA ILE B 120 -18.34 16.38 1.90
C ILE B 120 -19.50 16.17 0.95
N GLN B 121 -20.41 15.23 1.28
CA GLN B 121 -21.62 15.01 0.50
C GLN B 121 -22.61 16.15 0.62
N LYS B 122 -22.29 17.20 1.40
CA LYS B 122 -23.19 18.32 1.59
C LYS B 122 -22.60 19.65 1.13
N GLY B 123 -21.36 19.66 0.59
CA GLY B 123 -20.77 20.87 0.09
C GLY B 123 -21.25 21.26 -1.31
N THR B 124 -20.93 22.49 -1.70
CA THR B 124 -21.39 23.03 -2.97
C THR B 124 -20.55 22.50 -4.14
N SER B 125 -21.13 22.59 -5.32
CA SER B 125 -20.43 22.23 -6.56
C SER B 125 -19.28 23.20 -6.78
N GLY B 126 -18.07 22.66 -6.88
CA GLY B 126 -16.88 23.46 -7.07
C GLY B 126 -16.05 23.65 -5.81
N ALA B 127 -16.54 23.20 -4.67
CA ALA B 127 -15.80 23.35 -3.42
C ALA B 127 -14.57 22.47 -3.41
N VAL B 128 -13.55 22.91 -2.66
CA VAL B 128 -12.25 22.25 -2.60
C VAL B 128 -12.08 21.65 -1.21
N PHE B 129 -11.47 20.47 -1.16
CA PHE B 129 -11.32 19.72 0.09
C PHE B 129 -9.89 19.21 0.22
N TYR B 130 -9.56 18.72 1.42
CA TYR B 130 -8.24 18.19 1.73
C TYR B 130 -8.38 17.14 2.83
N GLY B 131 -7.93 15.92 2.55
CA GLY B 131 -7.99 14.89 3.58
C GLY B 131 -7.47 13.55 3.09
N VAL B 132 -7.07 12.72 4.05
CA VAL B 132 -6.63 11.34 3.81
C VAL B 132 -7.84 10.43 3.97
N PHE B 133 -7.96 9.45 3.08
CA PHE B 133 -9.09 8.53 3.12
C PHE B 133 -8.62 7.14 2.70
N THR B 134 -9.54 6.18 2.79
CA THR B 134 -9.24 4.76 2.61
C THR B 134 -9.71 4.30 1.24
N LEU B 135 -8.84 3.59 0.51
CA LEU B 135 -9.20 3.03 -0.79
C LEU B 135 -10.01 1.76 -0.57
N HIS B 136 -11.33 1.87 -0.75
CA HIS B 136 -12.23 0.74 -0.53
C HIS B 136 -12.38 -0.14 -1.76
N LYS B 137 -12.25 0.44 -2.95
CA LYS B 137 -12.29 -0.31 -4.20
C LYS B 137 -11.73 0.57 -5.30
N LYS B 138 -10.89 -0.01 -6.16
CA LYS B 138 -10.21 0.73 -7.22
C LYS B 138 -10.73 0.30 -8.58
N THR B 139 -10.83 1.26 -9.50
CA THR B 139 -11.32 1.02 -10.86
C THR B 139 -10.64 2.01 -11.80
N VAL B 140 -10.11 1.51 -12.91
CA VAL B 140 -9.37 2.32 -13.87
C VAL B 140 -10.11 2.28 -15.20
N ASN B 141 -10.55 3.44 -15.67
CA ASN B 141 -11.15 3.56 -17.00
C ASN B 141 -10.03 3.62 -18.04
N ARG B 142 -10.41 3.89 -19.29
CA ARG B 142 -9.40 4.11 -20.32
C ARG B 142 -8.86 5.53 -20.27
N LYS B 143 -9.70 6.50 -19.91
CA LYS B 143 -9.28 7.89 -19.78
C LYS B 143 -8.94 8.22 -18.33
N ASN B 144 -9.96 8.42 -17.51
CA ASN B 144 -9.75 8.78 -16.11
C ASN B 144 -9.65 7.50 -15.26
N THR B 145 -9.62 7.68 -13.95
CA THR B 145 -9.56 6.56 -13.01
C THR B 145 -10.38 6.92 -11.77
N ILE B 146 -11.33 6.06 -11.43
CA ILE B 146 -12.29 6.33 -10.35
C ILE B 146 -11.85 5.56 -9.11
N TYR B 147 -11.82 6.24 -7.97
CA TYR B 147 -11.44 5.65 -6.69
C TYR B 147 -12.60 5.81 -5.71
N GLU B 148 -13.17 4.69 -5.29
CA GLU B 148 -14.28 4.70 -4.33
C GLU B 148 -13.69 4.59 -2.92
N ILE B 149 -13.83 5.67 -2.15
CA ILE B 149 -13.33 5.73 -0.78
C ILE B 149 -14.50 5.68 0.19
N LYS B 150 -14.21 5.26 1.41
CA LYS B 150 -15.25 5.01 2.40
C LYS B 150 -14.67 5.13 3.79
N ASP B 151 -15.39 5.80 4.69
CA ASP B 151 -15.03 5.83 6.10
C ASP B 151 -16.27 5.62 6.98
N GLY B 152 -16.23 6.18 8.18
CA GLY B 152 -17.34 5.99 9.10
C GLY B 152 -18.61 6.74 8.76
N SER B 153 -18.61 7.56 7.71
CA SER B 153 -19.76 8.40 7.42
C SER B 153 -20.38 8.19 6.05
N GLY B 154 -19.68 7.55 5.11
CA GLY B 154 -20.29 7.31 3.81
C GLY B 154 -19.25 6.90 2.78
N SER B 155 -19.63 7.01 1.52
CA SER B 155 -18.77 6.68 0.40
C SER B 155 -18.87 7.76 -0.66
N ILE B 156 -17.80 7.90 -1.45
CA ILE B 156 -17.74 8.92 -2.48
C ILE B 156 -16.66 8.57 -3.52
N GLU B 157 -16.99 8.74 -4.79
CA GLU B 157 -16.05 8.44 -5.87
C GLU B 157 -15.26 9.70 -6.25
N VAL B 158 -14.04 9.47 -6.74
CA VAL B 158 -13.11 10.54 -7.06
C VAL B 158 -12.58 10.32 -8.48
N VAL B 159 -12.67 11.35 -9.31
CA VAL B 159 -12.21 11.27 -10.70
C VAL B 159 -10.75 11.69 -10.76
N GLY B 160 -9.87 10.76 -11.13
CA GLY B 160 -8.47 11.06 -11.31
C GLY B 160 -8.01 10.87 -12.74
N SER B 161 -8.07 11.93 -13.54
CA SER B 161 -7.65 11.88 -14.93
C SER B 161 -6.32 12.58 -15.10
N GLY B 162 -5.59 12.17 -16.13
CA GLY B 162 -4.30 12.76 -16.43
C GLY B 162 -3.18 12.26 -15.52
N LYS B 163 -2.62 13.17 -14.72
CA LYS B 163 -1.54 12.81 -13.82
C LYS B 163 -1.95 11.77 -12.77
N TRP B 164 -3.24 11.49 -12.66
CA TRP B 164 -3.75 10.57 -11.64
C TRP B 164 -4.57 9.44 -12.26
N HIS B 165 -4.26 9.11 -13.52
CA HIS B 165 -4.92 8.02 -14.23
C HIS B 165 -4.16 6.73 -13.92
N ASN B 166 -4.68 5.96 -12.96
CA ASN B 166 -4.04 4.75 -12.46
C ASN B 166 -2.65 5.04 -11.93
N ILE B 167 -2.54 5.24 -10.61
CA ILE B 167 -1.25 5.47 -9.97
C ILE B 167 -0.71 4.16 -9.43
N ASN B 168 0.29 4.24 -8.56
CA ASN B 168 0.92 3.05 -7.98
C ASN B 168 0.40 2.89 -6.56
N CYS B 169 -0.73 2.18 -6.43
CA CYS B 169 -1.32 1.92 -5.12
C CYS B 169 -2.27 0.74 -5.26
N LYS B 170 -3.03 0.46 -4.20
CA LYS B 170 -3.88 -0.71 -4.13
C LYS B 170 -4.99 -0.42 -3.13
N GLU B 171 -5.98 -1.33 -3.10
CA GLU B 171 -7.03 -1.24 -2.10
C GLU B 171 -6.43 -1.34 -0.69
N GLY B 172 -7.08 -0.67 0.26
CA GLY B 172 -6.66 -0.74 1.64
C GLY B 172 -5.55 0.20 2.03
N ASP B 173 -5.03 0.99 1.09
CA ASP B 173 -4.01 1.98 1.42
C ASP B 173 -4.68 3.19 2.08
N LYS B 174 -3.89 4.24 2.33
CA LYS B 174 -4.41 5.51 2.85
C LYS B 174 -3.87 6.63 1.98
N LEU B 175 -4.69 7.07 1.01
CA LEU B 175 -4.29 8.09 0.06
C LEU B 175 -4.66 9.47 0.59
N HIS B 176 -3.74 10.43 0.42
CA HIS B 176 -3.93 11.79 0.88
C HIS B 176 -4.33 12.66 -0.31
N LEU B 177 -5.58 13.11 -0.33
CA LEU B 177 -6.09 13.93 -1.42
C LEU B 177 -5.80 15.39 -1.16
N PHE B 178 -5.16 16.04 -2.14
CA PHE B 178 -4.91 17.48 -2.09
C PHE B 178 -5.72 18.17 -3.18
N CYS B 179 -6.64 19.05 -2.76
CA CYS B 179 -7.33 19.98 -3.65
C CYS B 179 -8.06 19.24 -4.78
N PHE B 180 -9.18 18.65 -4.41
CA PHE B 180 -10.09 18.03 -5.35
C PHE B 180 -11.46 18.69 -5.25
N HIS B 181 -12.09 18.89 -6.41
CA HIS B 181 -13.24 19.76 -6.54
C HIS B 181 -14.53 18.96 -6.60
N LEU B 182 -15.55 19.45 -5.91
CA LEU B 182 -16.85 18.80 -5.89
C LEU B 182 -17.62 19.17 -7.15
N LYS B 183 -18.21 18.16 -7.78
CA LYS B 183 -18.94 18.37 -9.03
C LYS B 183 -20.03 17.31 -9.13
N THR B 184 -21.27 17.76 -9.27
CA THR B 184 -22.40 16.86 -9.43
C THR B 184 -22.30 16.13 -10.77
N ILE B 185 -21.94 14.85 -10.74
CA ILE B 185 -21.85 14.02 -11.92
C ILE B 185 -22.81 12.86 -11.77
N ASP B 186 -23.73 12.71 -12.72
CA ASP B 186 -24.69 11.61 -12.80
C ASP B 186 -25.67 11.61 -11.62
N ARG B 187 -25.88 12.77 -11.02
CA ARG B 187 -26.82 12.91 -9.90
C ARG B 187 -26.20 12.87 -8.50
N GLN B 188 -25.00 12.31 -8.40
CA GLN B 188 -24.29 12.19 -7.15
C GLN B 188 -23.01 13.01 -7.19
N PRO B 189 -22.50 13.44 -6.05
CA PRO B 189 -21.25 14.21 -6.04
C PRO B 189 -20.05 13.33 -6.37
N LYS B 190 -19.05 13.96 -7.00
CA LYS B 190 -17.76 13.34 -7.27
C LYS B 190 -16.67 14.36 -6.97
N LEU B 191 -15.46 13.87 -6.77
CA LEU B 191 -14.29 14.70 -6.58
C LEU B 191 -13.47 14.65 -7.87
N VAL B 192 -13.60 15.66 -8.69
CA VAL B 192 -12.90 15.73 -9.96
C VAL B 192 -11.53 16.35 -9.74
N CYS B 193 -10.59 15.99 -10.62
CA CYS B 193 -9.25 16.55 -10.54
C CYS B 193 -9.27 18.05 -10.77
N GLY B 194 -8.18 18.71 -10.37
CA GLY B 194 -8.06 20.14 -10.52
C GLY B 194 -6.67 20.52 -11.02
N GLU B 195 -6.46 21.82 -11.17
CA GLU B 195 -5.16 22.32 -11.62
C GLU B 195 -4.08 22.15 -10.56
N HIS B 196 -4.47 22.03 -9.29
CA HIS B 196 -3.52 21.93 -8.18
C HIS B 196 -3.74 20.65 -7.37
N SER B 197 -4.07 19.57 -8.06
CA SER B 197 -4.32 18.30 -7.37
C SER B 197 -3.00 17.62 -7.02
N PHE B 198 -3.02 16.86 -5.93
CA PHE B 198 -1.84 16.12 -5.48
C PHE B 198 -2.31 14.98 -4.58
N ILE B 199 -1.58 13.87 -4.66
CA ILE B 199 -1.93 12.65 -3.92
C ILE B 199 -0.63 11.99 -3.44
N LYS B 200 -0.45 11.93 -2.13
CA LYS B 200 0.62 11.15 -1.52
C LYS B 200 0.03 10.01 -0.71
N ILE B 201 0.76 8.91 -0.63
CA ILE B 201 0.21 7.64 -0.19
C ILE B 201 0.65 7.34 1.23
N SER B 202 -0.16 6.53 1.93
CA SER B 202 0.17 5.99 3.27
C SER B 202 -0.26 4.51 3.26
N LYS B 203 0.56 3.71 2.58
CA LYS B 203 0.30 2.28 2.38
C LYS B 203 0.04 1.43 3.63
N ARG B 204 -0.67 0.32 3.44
CA ARG B 204 -0.98 -0.63 4.54
C ARG B 204 -1.62 -1.90 3.97
N GLY B 205 -1.74 -2.94 4.77
CA GLY B 205 -2.32 -4.19 4.31
C GLY B 205 -1.36 -5.03 3.49
N ASN B 206 -1.27 -6.32 3.82
CA ASN B 206 -0.35 -7.22 3.12
C ASN B 206 -0.97 -8.59 2.93
N VAL B 207 -1.61 -9.11 3.97
CA VAL B 207 -2.22 -10.45 3.97
C VAL B 207 -1.18 -11.49 3.62
N PRO B 208 -0.18 -11.75 4.48
CA PRO B 208 0.78 -12.83 4.19
C PRO B 208 0.21 -14.19 4.52
N LYS B 209 1.02 -15.02 5.18
CA LYS B 209 0.59 -16.32 5.72
C LYS B 209 0.11 -17.19 4.57
N GLU B 210 -0.97 -17.94 4.74
CA GLU B 210 -1.54 -18.79 3.71
C GLU B 210 -2.45 -17.93 2.83
N PRO B 211 -3.02 -18.51 1.76
CA PRO B 211 -4.04 -17.79 1.00
C PRO B 211 -5.30 -17.50 1.80
N ALA B 212 -6.45 -17.48 1.12
CA ALA B 212 -7.70 -17.07 1.73
C ALA B 212 -8.68 -18.26 1.80
N LYS B 213 -9.96 -17.95 1.98
CA LYS B 213 -10.96 -18.98 2.22
C LYS B 213 -11.55 -19.53 0.92
N GLU B 214 -12.83 -19.86 0.94
CA GLU B 214 -13.47 -20.54 -0.18
C GLU B 214 -14.90 -20.06 -0.35
N GLU B 215 -15.42 -20.26 -1.55
CA GLU B 215 -16.83 -20.04 -1.87
C GLU B 215 -17.27 -21.18 -2.78
N ASP B 216 -17.90 -22.20 -2.19
CA ASP B 216 -18.25 -23.41 -2.92
C ASP B 216 -19.21 -23.09 -4.06
N HIS B 217 -18.84 -23.54 -5.27
CA HIS B 217 -19.61 -23.27 -6.49
C HIS B 217 -19.83 -21.77 -6.65
N HIS B 218 -18.72 -21.04 -6.68
CA HIS B 218 -18.79 -19.55 -6.78
C HIS B 218 -19.45 -19.16 -8.10
N HIS B 219 -20.29 -18.13 -8.09
CA HIS B 219 -20.96 -17.71 -9.35
C HIS B 219 -20.22 -16.50 -9.94
N GLY B 220 -19.34 -15.87 -9.15
CA GLY B 220 -18.64 -14.64 -9.59
C GLY B 220 -17.42 -14.89 -10.46
N PRO B 221 -16.70 -13.83 -10.87
CA PRO B 221 -15.49 -13.93 -11.68
C PRO B 221 -14.28 -13.35 -10.92
N LYS B 222 -13.07 -13.53 -11.45
CA LYS B 222 -11.88 -13.00 -10.76
C LYS B 222 -10.69 -12.91 -11.73
N GLN B 223 -9.91 -11.83 -11.64
CA GLN B 223 -8.74 -11.63 -12.54
C GLN B 223 -7.45 -11.57 -11.72
N VAL B 224 -6.58 -12.58 -11.89
CA VAL B 224 -5.27 -12.65 -11.18
C VAL B 224 -4.14 -12.84 -12.17
N MET B 225 -3.01 -13.34 -11.68
CA MET B 225 -1.81 -13.50 -12.49
C MET B 225 -0.97 -14.61 -11.88
N VAL B 226 -0.59 -15.60 -12.70
CA VAL B 226 0.16 -16.74 -12.20
C VAL B 226 1.53 -16.28 -11.72
N LEU B 227 1.99 -16.86 -10.62
CA LEU B 227 3.28 -16.50 -10.02
C LEU B 227 4.25 -17.66 -9.89
N LYS B 228 3.76 -18.90 -9.79
CA LYS B 228 4.67 -20.06 -9.78
C LYS B 228 3.87 -21.27 -10.25
N VAL B 229 4.07 -21.66 -11.50
CA VAL B 229 3.44 -22.86 -12.05
C VAL B 229 4.46 -23.99 -12.02
N THR B 230 3.96 -25.22 -11.94
CA THR B 230 4.80 -26.40 -11.96
C THR B 230 4.35 -27.32 -13.09
N GLU B 231 5.06 -28.43 -13.26
CA GLU B 231 4.75 -29.38 -14.31
C GLU B 231 3.51 -30.19 -13.95
N PRO B 232 2.77 -30.68 -14.95
CA PRO B 232 1.63 -31.56 -14.67
C PRO B 232 2.12 -32.89 -14.11
N PHE B 233 1.16 -33.68 -13.61
CA PHE B 233 1.48 -35.01 -13.10
C PHE B 233 0.21 -35.84 -12.96
N THR B 234 0.28 -36.88 -12.13
CA THR B 234 -0.85 -37.77 -11.91
C THR B 234 -1.03 -37.99 -10.42
N TYR B 235 -2.27 -37.91 -9.95
CA TYR B 235 -2.58 -38.19 -8.55
C TYR B 235 -3.36 -39.48 -8.34
N ASP B 236 -3.80 -40.15 -9.42
CA ASP B 236 -4.53 -41.39 -9.31
C ASP B 236 -3.93 -42.40 -10.27
N LEU B 237 -3.49 -43.54 -9.73
CA LEU B 237 -2.83 -44.55 -10.55
C LEU B 237 -3.84 -45.46 -11.26
N LYS B 238 -5.05 -45.59 -10.71
CA LYS B 238 -6.01 -46.53 -11.28
C LYS B 238 -6.53 -46.05 -12.62
N GLU B 239 -6.93 -44.78 -12.71
CA GLU B 239 -7.68 -44.28 -13.86
C GLU B 239 -7.00 -43.12 -14.57
N ASP B 240 -5.71 -42.90 -14.34
CA ASP B 240 -4.94 -41.86 -15.02
C ASP B 240 -5.64 -40.50 -14.92
N LYS B 241 -5.48 -39.83 -13.79
CA LYS B 241 -6.08 -38.52 -13.57
C LYS B 241 -4.98 -37.46 -13.47
N ARG B 242 -5.08 -36.44 -14.31
CA ARG B 242 -4.06 -35.42 -14.45
C ARG B 242 -4.37 -34.21 -13.59
N MET B 243 -3.32 -33.52 -13.15
CA MET B 243 -3.48 -32.26 -12.43
C MET B 243 -2.10 -31.60 -12.29
N PHE B 244 -2.12 -30.34 -11.85
CA PHE B 244 -0.91 -29.60 -11.54
C PHE B 244 -1.26 -28.41 -10.66
N HIS B 245 -0.30 -27.96 -9.86
CA HIS B 245 -0.48 -26.85 -8.95
C HIS B 245 0.06 -25.55 -9.52
N ALA B 246 -0.40 -24.43 -8.96
CA ALA B 246 0.02 -23.11 -9.41
C ALA B 246 -0.24 -22.11 -8.30
N THR B 247 0.37 -20.94 -8.44
CA THR B 247 0.19 -19.82 -7.53
C THR B 247 -0.27 -18.60 -8.32
N VAL B 248 -1.36 -17.96 -7.86
CA VAL B 248 -1.91 -16.79 -8.51
C VAL B 248 -2.14 -15.71 -7.47
N ALA B 249 -2.38 -14.49 -7.94
CA ALA B 249 -2.52 -13.36 -7.03
C ALA B 249 -3.28 -12.23 -7.70
N THR B 250 -3.97 -11.44 -6.87
CA THR B 250 -4.63 -10.21 -7.29
C THR B 250 -3.66 -9.05 -7.08
N GLU B 251 -4.18 -7.83 -6.94
CA GLU B 251 -3.32 -6.71 -6.56
C GLU B 251 -2.94 -6.79 -5.09
N THR B 252 -3.83 -7.33 -4.26
CA THR B 252 -3.62 -7.38 -2.82
C THR B 252 -3.53 -8.79 -2.25
N GLU B 253 -4.33 -9.72 -2.75
CA GLU B 253 -4.40 -11.07 -2.22
C GLU B 253 -3.69 -12.06 -3.15
N PHE B 254 -3.32 -13.20 -2.57
CA PHE B 254 -2.71 -14.30 -3.32
C PHE B 254 -3.43 -15.59 -3.00
N PHE B 255 -3.39 -16.53 -3.94
CA PHE B 255 -4.15 -17.78 -3.82
C PHE B 255 -3.37 -18.92 -4.47
N ARG B 256 -3.38 -20.07 -3.80
CA ARG B 256 -2.79 -21.29 -4.32
C ARG B 256 -3.88 -22.18 -4.89
N VAL B 257 -3.73 -22.59 -6.15
CA VAL B 257 -4.82 -23.15 -6.93
C VAL B 257 -4.49 -24.58 -7.32
N LYS B 258 -5.55 -25.31 -7.68
CA LYS B 258 -5.45 -26.66 -8.23
C LYS B 258 -6.19 -26.72 -9.55
N VAL B 259 -5.60 -27.40 -10.52
CA VAL B 259 -6.18 -27.55 -11.85
C VAL B 259 -6.14 -29.02 -12.23
N PHE B 260 -7.29 -29.59 -12.61
CA PHE B 260 -7.40 -31.00 -12.91
C PHE B 260 -7.54 -31.31 -14.39
N ASP B 261 -7.84 -30.31 -15.23
CA ASP B 261 -7.89 -30.49 -16.68
C ASP B 261 -6.57 -29.95 -17.22
N THR B 262 -5.64 -30.87 -17.52
CA THR B 262 -4.30 -30.49 -17.95
C THR B 262 -4.31 -29.53 -19.13
N ALA B 263 -5.42 -29.47 -19.86
CA ALA B 263 -5.51 -28.56 -21.01
C ALA B 263 -5.19 -27.13 -20.61
N LEU B 264 -5.52 -26.76 -19.37
CA LEU B 264 -5.34 -25.39 -18.94
C LEU B 264 -3.92 -25.22 -18.42
N LYS B 265 -2.97 -25.97 -18.97
CA LYS B 265 -1.57 -25.71 -18.66
C LYS B 265 -1.01 -24.59 -19.53
N SER B 266 -1.56 -24.43 -20.73
CA SER B 266 -1.07 -23.38 -21.63
C SER B 266 -1.48 -21.99 -21.15
N LYS B 267 -2.75 -21.85 -20.74
CA LYS B 267 -3.23 -20.56 -20.26
C LYS B 267 -2.62 -20.17 -18.92
N PHE B 268 -2.00 -21.12 -18.22
CA PHE B 268 -1.43 -20.87 -16.89
C PHE B 268 0.09 -20.78 -17.01
N ILE B 269 0.54 -19.58 -17.32
CA ILE B 269 1.97 -19.29 -17.45
C ILE B 269 2.29 -18.16 -16.46
N PRO B 270 3.45 -18.17 -15.81
CA PRO B 270 3.85 -17.02 -15.00
C PRO B 270 3.79 -15.73 -15.80
N ARG B 271 3.46 -14.64 -15.12
CA ARG B 271 3.30 -13.29 -15.68
C ARG B 271 2.11 -13.19 -16.62
N ASN B 272 1.22 -14.17 -16.63
CA ASN B 272 0.05 -14.15 -17.50
C ASN B 272 -1.16 -13.65 -16.72
N ILE B 273 -1.77 -12.57 -17.22
CA ILE B 273 -3.02 -12.07 -16.66
C ILE B 273 -4.16 -12.95 -17.17
N ILE B 274 -4.89 -13.57 -16.24
CA ILE B 274 -5.90 -14.55 -16.60
C ILE B 274 -7.24 -14.20 -15.97
N ALA B 275 -8.22 -15.08 -16.13
CA ALA B 275 -9.56 -14.85 -15.61
C ALA B 275 -10.20 -16.20 -15.29
N ILE B 276 -10.88 -16.27 -14.16
CA ILE B 276 -11.43 -17.53 -13.64
C ILE B 276 -12.87 -17.30 -13.21
N SER B 277 -13.75 -18.25 -13.55
CA SER B 277 -15.16 -18.16 -13.20
C SER B 277 -15.67 -19.55 -12.82
N ASP B 278 -16.77 -19.56 -12.06
CA ASP B 278 -17.46 -20.76 -11.59
C ASP B 278 -16.44 -21.77 -11.01
N TYR B 279 -15.91 -21.39 -9.86
CA TYR B 279 -14.83 -22.12 -9.22
C TYR B 279 -15.29 -22.65 -7.87
N PHE B 280 -14.65 -23.73 -7.45
CA PHE B 280 -14.89 -24.38 -6.17
C PHE B 280 -13.73 -24.10 -5.22
N GLY B 281 -13.98 -24.30 -3.93
CA GLY B 281 -12.98 -24.10 -2.91
C GLY B 281 -12.89 -25.27 -1.95
N CYS B 282 -11.67 -25.74 -1.68
CA CYS B 282 -11.50 -26.94 -0.86
C CYS B 282 -10.23 -26.80 -0.02
N ASN B 283 -10.41 -26.67 1.29
CA ASN B 283 -9.31 -26.76 2.26
C ASN B 283 -8.20 -25.77 1.94
N GLY B 284 -8.59 -24.52 1.69
CA GLY B 284 -7.63 -23.49 1.36
C GLY B 284 -7.21 -23.44 -0.10
N PHE B 285 -7.52 -24.47 -0.88
CA PHE B 285 -7.20 -24.51 -2.29
C PHE B 285 -8.47 -24.41 -3.12
N LEU B 286 -8.35 -23.74 -4.27
CA LEU B 286 -9.49 -23.48 -5.15
C LEU B 286 -9.44 -24.45 -6.33
N GLU B 287 -10.54 -25.14 -6.58
CA GLU B 287 -10.59 -26.21 -7.56
C GLU B 287 -11.31 -25.76 -8.82
N ILE B 288 -10.70 -26.05 -9.97
CA ILE B 288 -11.30 -25.83 -11.28
C ILE B 288 -11.54 -27.19 -11.93
N TYR B 289 -12.62 -27.28 -12.72
CA TYR B 289 -13.02 -28.56 -13.28
C TYR B 289 -13.18 -28.56 -14.80
N ARG B 290 -13.33 -27.41 -15.45
CA ARG B 290 -13.49 -27.37 -16.89
C ARG B 290 -12.62 -26.27 -17.48
N ALA B 291 -12.09 -26.55 -18.68
CA ALA B 291 -11.32 -25.56 -19.42
C ALA B 291 -12.14 -24.32 -19.77
N SER B 292 -13.46 -24.38 -19.65
CA SER B 292 -14.33 -23.24 -19.91
C SER B 292 -14.37 -22.29 -18.72
N CYS B 293 -13.28 -22.24 -17.95
CA CYS B 293 -13.17 -21.34 -16.82
C CYS B 293 -12.06 -20.31 -16.97
N VAL B 294 -11.18 -20.45 -17.96
CA VAL B 294 -10.07 -19.53 -18.17
C VAL B 294 -10.14 -19.00 -19.59
N SER B 295 -10.03 -17.67 -19.73
CA SER B 295 -9.98 -16.99 -21.03
C SER B 295 -8.89 -15.92 -20.94
N ASP B 296 -7.65 -16.32 -21.20
CA ASP B 296 -6.52 -15.39 -21.13
C ASP B 296 -6.54 -14.44 -22.33
N VAL B 297 -7.67 -13.76 -22.54
CA VAL B 297 -7.85 -12.89 -23.69
C VAL B 297 -8.04 -11.46 -23.22
N ASN B 298 -6.93 -10.79 -22.86
CA ASN B 298 -6.89 -9.37 -22.56
C ASN B 298 -7.97 -8.95 -21.56
N VAL B 299 -7.74 -9.21 -20.27
CA VAL B 299 -8.66 -8.79 -19.22
C VAL B 299 -8.23 -7.45 -18.60
N ASN B 300 -6.94 -7.30 -18.30
CA ASN B 300 -6.40 -6.03 -17.84
C ASN B 300 -4.88 -6.03 -18.05
N PRO B 301 -4.37 -5.19 -18.95
CA PRO B 301 -2.94 -5.20 -19.25
C PRO B 301 -2.10 -4.40 -18.26
N THR B 302 -2.71 -3.37 -17.66
CA THR B 302 -1.98 -2.44 -16.81
C THR B 302 -1.96 -2.86 -15.34
N MET B 303 -2.17 -4.14 -15.05
CA MET B 303 -2.20 -4.61 -13.68
C MET B 303 -0.79 -4.66 -13.10
N VAL B 304 -0.60 -4.03 -11.95
CA VAL B 304 0.69 -3.99 -11.27
C VAL B 304 0.59 -4.85 -10.01
N ILE B 305 1.38 -5.91 -9.97
CA ILE B 305 1.44 -6.80 -8.82
C ILE B 305 2.55 -6.33 -7.90
N SER B 306 2.32 -6.48 -6.59
CA SER B 306 3.30 -6.05 -5.61
C SER B 306 4.45 -7.06 -5.53
N ASN B 307 5.67 -6.54 -5.46
CA ASN B 307 6.83 -7.40 -5.31
C ASN B 307 6.79 -8.17 -4.00
N THR B 308 6.35 -7.51 -2.93
CA THR B 308 6.24 -8.18 -1.64
C THR B 308 5.17 -9.26 -1.68
N LEU B 309 4.10 -9.01 -2.44
CA LEU B 309 3.07 -10.04 -2.63
C LEU B 309 3.66 -11.25 -3.34
N ARG B 310 4.46 -11.02 -4.38
CA ARG B 310 5.15 -12.12 -5.05
C ARG B 310 6.04 -12.88 -4.08
N GLN B 311 6.76 -12.16 -3.22
CA GLN B 311 7.66 -12.79 -2.26
C GLN B 311 6.91 -13.43 -1.09
N ARG B 312 5.60 -13.17 -1.01
CA ARG B 312 4.75 -13.72 0.07
C ARG B 312 4.05 -14.99 -0.43
N ALA B 313 3.56 -14.97 -1.67
CA ALA B 313 2.88 -16.13 -2.25
C ALA B 313 3.87 -17.24 -2.52
N ASN B 314 5.00 -16.90 -3.14
CA ASN B 314 6.13 -17.79 -3.36
C ASN B 314 6.95 -18.01 -2.10
N ALA B 315 6.48 -17.50 -0.97
CA ALA B 315 7.22 -17.60 0.28
C ALA B 315 7.26 -19.04 0.78
N THR B 316 8.29 -19.33 1.57
CA THR B 316 8.44 -20.62 2.22
C THR B 316 8.50 -20.39 3.74
N PRO B 317 7.55 -20.94 4.50
CA PRO B 317 7.48 -20.61 5.93
C PRO B 317 8.66 -21.17 6.71
N LYS B 318 8.83 -20.66 7.92
CA LYS B 318 9.83 -21.19 8.83
C LYS B 318 9.25 -22.31 9.68
N ILE B 319 10.13 -23.22 10.10
CA ILE B 319 9.72 -24.35 10.93
C ILE B 319 9.10 -23.83 12.23
N SER B 320 9.68 -22.80 12.82
CA SER B 320 9.06 -22.16 13.99
C SER B 320 7.69 -21.61 13.65
N TYR B 321 7.57 -20.96 12.48
CA TYR B 321 6.27 -20.45 12.06
C TYR B 321 5.28 -21.58 11.82
N LEU B 322 5.77 -22.68 11.23
CA LEU B 322 4.91 -23.85 11.04
C LEU B 322 4.41 -24.38 12.38
N PHE B 323 5.24 -24.27 13.42
CA PHE B 323 4.82 -24.74 14.74
C PHE B 323 3.61 -23.96 15.25
N SER B 324 3.49 -22.68 14.89
CA SER B 324 2.42 -21.83 15.36
C SER B 324 1.17 -21.88 14.49
N GLN B 325 1.15 -22.76 13.49
CA GLN B 325 -0.02 -22.93 12.64
C GLN B 325 -0.92 -24.03 13.19
N ALA B 326 -2.21 -23.94 12.84
CA ALA B 326 -3.19 -24.93 13.25
C ALA B 326 -3.13 -26.12 12.29
N ARG B 327 -2.90 -27.31 12.84
CA ARG B 327 -2.73 -28.49 12.01
C ARG B 327 -4.01 -28.80 11.23
N GLY B 328 -3.86 -28.94 9.92
CA GLY B 328 -4.98 -29.05 9.01
C GLY B 328 -4.74 -28.17 7.81
N THR B 329 -3.87 -27.17 7.99
CA THR B 329 -3.42 -26.34 6.89
C THR B 329 -2.34 -27.06 6.10
N PHE B 330 -2.29 -26.77 4.80
CA PHE B 330 -1.38 -27.46 3.90
C PHE B 330 -0.18 -26.58 3.58
N VAL B 331 0.94 -27.24 3.27
CA VAL B 331 2.24 -26.59 3.22
C VAL B 331 2.78 -26.63 1.80
N SER B 332 3.42 -25.53 1.39
CA SER B 332 4.11 -25.44 0.11
C SER B 332 5.33 -24.56 0.30
N GLY B 333 6.39 -24.89 -0.41
CA GLY B 333 7.66 -24.19 -0.28
C GLY B 333 8.81 -25.12 -0.56
N GLU B 334 9.97 -24.77 -0.03
CA GLU B 334 11.21 -25.52 -0.27
C GLU B 334 12.02 -25.63 1.01
N TYR B 335 12.67 -26.77 1.19
CA TYR B 335 13.51 -27.01 2.37
C TYR B 335 14.68 -27.90 1.95
N LEU B 336 15.56 -28.17 2.90
CA LEU B 336 16.73 -29.01 2.65
C LEU B 336 16.65 -30.29 3.49
N VAL B 337 17.16 -31.38 2.92
CA VAL B 337 17.13 -32.69 3.54
C VAL B 337 18.46 -32.96 4.23
N ASN B 338 18.42 -33.75 5.30
CA ASN B 338 19.64 -34.14 6.00
C ASN B 338 19.64 -35.60 6.48
N LYS B 339 18.49 -36.19 6.81
CA LYS B 339 18.39 -37.60 7.12
C LYS B 339 17.62 -38.30 6.01
N LYS B 340 17.93 -39.58 5.80
CA LYS B 340 17.16 -40.43 4.89
C LYS B 340 17.04 -41.81 5.51
N THR B 341 15.80 -42.23 5.77
CA THR B 341 15.52 -43.51 6.41
C THR B 341 14.35 -44.16 5.69
N GLU B 342 14.63 -45.19 4.90
CA GLU B 342 13.60 -45.92 4.16
C GLU B 342 13.21 -47.17 4.94
N ARG B 343 11.91 -47.37 5.15
CA ARG B 343 11.42 -48.59 5.76
C ARG B 343 10.50 -49.31 4.80
N ASN B 344 9.59 -50.16 5.30
CA ASN B 344 8.73 -50.93 4.43
C ASN B 344 7.83 -50.02 3.61
N LYS B 345 8.02 -50.03 2.29
CA LYS B 345 7.31 -49.21 1.31
C LYS B 345 7.09 -47.78 1.80
N PHE B 346 8.02 -47.29 2.62
CA PHE B 346 7.94 -45.95 3.20
C PHE B 346 9.32 -45.34 3.26
N ILE B 347 9.41 -44.05 2.96
CA ILE B 347 10.67 -43.32 3.02
C ILE B 347 10.45 -42.06 3.86
N TYR B 348 11.42 -41.76 4.71
CA TYR B 348 11.37 -40.59 5.58
C TYR B 348 12.51 -39.65 5.25
N TYR B 349 12.19 -38.35 5.17
CA TYR B 349 13.18 -37.31 4.85
C TYR B 349 13.08 -36.21 5.90
N GLY B 350 14.01 -36.21 6.86
CA GLY B 350 14.04 -35.17 7.87
C GLY B 350 14.60 -33.87 7.33
N ILE B 351 13.72 -32.89 7.12
CA ILE B 351 14.13 -31.60 6.59
C ILE B 351 14.53 -30.68 7.72
N GLY B 352 15.18 -29.56 7.41
CA GLY B 352 15.58 -28.60 8.41
C GLY B 352 15.89 -27.26 7.78
N ASP B 353 15.83 -26.23 8.61
CA ASP B 353 16.16 -24.88 8.20
C ASP B 353 16.95 -24.21 9.33
N ASP B 354 17.10 -22.89 9.23
CA ASP B 354 17.86 -22.13 10.22
C ASP B 354 17.10 -21.92 11.52
N THR B 355 16.02 -22.65 11.75
CA THR B 355 15.28 -22.61 13.01
C THR B 355 15.18 -23.95 13.71
N GLY B 356 15.38 -25.06 12.99
CA GLY B 356 15.34 -26.37 13.62
C GLY B 356 15.37 -27.52 12.64
N LYS B 357 14.39 -28.42 12.77
CA LYS B 357 14.32 -29.65 11.99
C LYS B 357 12.93 -30.25 12.22
N MET B 358 12.46 -31.00 11.23
CA MET B 358 11.21 -31.75 11.39
C MET B 358 11.33 -33.02 10.56
N GLU B 359 10.17 -33.61 10.24
CA GLU B 359 10.12 -34.84 9.46
C GLU B 359 9.15 -34.67 8.30
N VAL B 360 9.32 -35.52 7.29
CA VAL B 360 8.43 -35.58 6.14
C VAL B 360 8.12 -37.04 5.85
N VAL B 361 6.85 -37.40 5.89
CA VAL B 361 6.40 -38.76 5.66
C VAL B 361 5.83 -38.85 4.25
N VAL B 362 6.45 -39.66 3.41
CA VAL B 362 6.06 -39.82 2.01
C VAL B 362 5.70 -41.29 1.78
N TYR B 363 4.60 -41.52 1.08
CA TYR B 363 4.09 -42.86 0.82
C TYR B 363 3.58 -42.96 -0.61
N GLY B 364 3.80 -44.12 -1.22
CA GLY B 364 3.21 -44.42 -2.51
C GLY B 364 4.03 -44.03 -3.71
N ARG B 365 3.37 -43.44 -4.70
CA ARG B 365 4.01 -43.15 -5.99
C ARG B 365 5.25 -42.29 -5.80
N LEU B 366 5.16 -41.25 -4.97
CA LEU B 366 6.28 -40.34 -4.78
C LEU B 366 7.46 -40.97 -4.06
N THR B 367 7.36 -42.22 -3.62
CA THR B 367 8.53 -42.93 -3.12
C THR B 367 9.48 -43.28 -4.25
N ASN B 368 9.01 -43.25 -5.51
CA ASN B 368 9.82 -43.54 -6.68
C ASN B 368 10.76 -42.40 -7.08
N VAL B 369 10.98 -41.43 -6.19
CA VAL B 369 11.90 -40.33 -6.44
C VAL B 369 13.13 -40.52 -5.58
N ARG B 370 14.30 -40.21 -6.14
CA ARG B 370 15.58 -40.40 -5.46
C ARG B 370 16.12 -39.03 -5.07
N CYS B 371 15.73 -38.57 -3.88
CA CYS B 371 16.34 -37.40 -3.28
C CYS B 371 17.36 -37.84 -2.23
N GLU B 372 18.40 -37.05 -2.09
CA GLU B 372 19.48 -37.36 -1.16
C GLU B 372 19.85 -36.11 -0.37
N PRO B 373 20.28 -36.27 0.87
CA PRO B 373 20.67 -35.10 1.67
C PRO B 373 21.82 -34.34 1.03
N GLY B 374 21.65 -33.02 0.91
CA GLY B 374 22.55 -32.15 0.18
C GLY B 374 21.88 -31.46 -0.98
N SER B 375 20.82 -32.06 -1.52
CA SER B 375 20.00 -31.47 -2.56
C SER B 375 18.72 -30.91 -1.93
N LYS B 376 18.22 -29.83 -2.53
CA LYS B 376 17.02 -29.18 -2.03
C LYS B 376 15.78 -29.89 -2.55
N LEU B 377 14.75 -29.96 -1.69
CA LEU B 377 13.49 -30.62 -1.99
C LEU B 377 12.36 -29.59 -2.03
N ARG B 378 11.57 -29.61 -3.09
CA ARG B 378 10.54 -28.60 -3.36
C ARG B 378 9.17 -29.23 -3.17
N LEU B 379 8.59 -29.05 -1.99
CA LEU B 379 7.29 -29.63 -1.68
C LEU B 379 6.17 -28.67 -2.04
N VAL B 380 5.04 -29.24 -2.47
CA VAL B 380 3.82 -28.49 -2.74
C VAL B 380 2.64 -29.32 -2.26
N CYS B 381 1.78 -28.70 -1.45
CA CYS B 381 0.57 -29.32 -0.91
C CYS B 381 0.89 -30.56 -0.07
N PHE B 382 1.18 -30.34 1.21
CA PHE B 382 1.44 -31.40 2.16
C PHE B 382 0.70 -31.11 3.46
N GLU B 383 0.09 -32.14 4.04
CA GLU B 383 -0.57 -31.99 5.33
C GLU B 383 0.46 -31.65 6.41
N LEU B 384 -0.02 -31.08 7.50
CA LEU B 384 0.83 -30.69 8.63
C LEU B 384 0.39 -31.46 9.86
N THR B 385 1.16 -32.46 10.24
CA THR B 385 0.89 -33.33 11.38
C THR B 385 2.01 -33.17 12.41
N SER B 386 1.84 -33.82 13.56
CA SER B 386 2.86 -33.79 14.60
C SER B 386 2.53 -34.86 15.65
N THR B 387 3.54 -35.21 16.44
CA THR B 387 3.42 -36.21 17.50
C THR B 387 4.11 -35.67 18.74
N GLU B 388 4.25 -36.53 19.76
CA GLU B 388 5.01 -36.18 20.95
C GLU B 388 6.47 -35.87 20.62
N ASP B 389 6.99 -36.42 19.52
CA ASP B 389 8.42 -36.38 19.22
C ASP B 389 8.76 -35.40 18.08
N GLY B 390 7.85 -34.50 17.74
CA GLY B 390 8.16 -33.48 16.76
C GLY B 390 7.00 -33.25 15.83
N TRP B 391 7.30 -32.66 14.68
CA TRP B 391 6.32 -32.28 13.67
C TRP B 391 6.65 -32.95 12.34
N GLN B 392 5.62 -33.07 11.48
CA GLN B 392 5.80 -33.72 10.19
C GLN B 392 5.02 -32.96 9.12
N LEU B 393 5.44 -33.16 7.88
CA LEU B 393 4.67 -32.81 6.69
C LEU B 393 4.33 -34.12 5.97
N ARG B 394 3.04 -34.43 5.87
CA ARG B 394 2.60 -35.70 5.30
C ARG B 394 2.18 -35.53 3.85
N SER B 395 2.45 -36.56 3.05
CA SER B 395 2.07 -36.56 1.64
C SER B 395 0.66 -37.09 1.49
N VAL B 396 -0.20 -36.33 0.81
CA VAL B 396 -1.62 -36.66 0.72
C VAL B 396 -2.02 -36.93 -0.73
N ARG B 397 -3.31 -36.79 -1.00
CA ARG B 397 -3.86 -37.14 -2.31
C ARG B 397 -3.41 -36.17 -3.41
N HIS B 398 -3.03 -34.96 -3.05
CA HIS B 398 -2.64 -33.94 -4.02
C HIS B 398 -1.22 -33.44 -3.78
N SER B 399 -0.33 -34.34 -3.40
CA SER B 399 1.05 -33.96 -3.09
C SER B 399 1.90 -33.95 -4.35
N TYR B 400 2.91 -33.07 -4.34
CA TYR B 400 3.80 -32.88 -5.48
C TYR B 400 5.15 -32.41 -4.97
N MET B 401 6.21 -32.81 -5.68
CA MET B 401 7.56 -32.44 -5.28
C MET B 401 8.55 -32.74 -6.41
N GLN B 402 9.75 -32.19 -6.27
CA GLN B 402 10.84 -32.42 -7.22
C GLN B 402 12.16 -32.11 -6.52
N VAL B 403 13.24 -32.59 -7.11
CA VAL B 403 14.59 -32.43 -6.56
C VAL B 403 15.37 -31.42 -7.39
N ILE B 404 16.13 -30.56 -6.71
CA ILE B 404 17.01 -29.60 -7.35
C ILE B 404 18.30 -29.46 -6.55
N ASN B 405 19.47 -29.59 -7.21
CA ASN B 405 20.76 -29.57 -6.53
C ASN B 405 21.77 -28.76 -7.34
N ALA B 406 22.90 -28.48 -6.69
CA ALA B 406 24.00 -27.79 -7.35
C ALA B 406 25.08 -28.80 -7.74
N GLY C 10 12.09 20.79 -37.99
CA GLY C 10 12.96 19.68 -38.30
C GLY C 10 13.73 19.14 -37.11
N ALA C 11 15.07 19.20 -37.19
CA ALA C 11 15.95 18.68 -36.15
C ALA C 11 16.81 19.82 -35.62
N VAL C 12 16.69 20.10 -34.32
CA VAL C 12 17.45 21.17 -33.69
C VAL C 12 18.92 20.77 -33.59
N LEU C 13 19.76 21.68 -33.09
CA LEU C 13 21.21 21.50 -33.09
C LEU C 13 21.75 21.79 -31.70
N HIS C 14 22.23 20.75 -31.03
CA HIS C 14 22.97 20.90 -29.78
C HIS C 14 24.44 21.16 -30.11
N SER C 15 24.93 22.34 -29.74
CA SER C 15 26.31 22.73 -30.03
C SER C 15 27.22 22.67 -28.81
N GLU C 16 26.71 22.27 -27.66
CA GLU C 16 27.53 22.22 -26.44
C GLU C 16 28.30 20.90 -26.40
N PRO C 17 29.63 20.94 -26.18
CA PRO C 17 30.38 19.70 -25.99
C PRO C 17 29.90 18.92 -24.79
N LEU C 18 29.06 17.90 -25.03
CA LEU C 18 28.48 17.08 -23.99
C LEU C 18 29.20 15.73 -23.92
N THR C 19 29.49 15.28 -22.71
CA THR C 19 30.19 14.02 -22.49
C THR C 19 29.19 12.90 -22.27
N VAL C 20 29.38 11.78 -22.96
CA VAL C 20 28.48 10.63 -22.89
C VAL C 20 29.30 9.34 -22.86
N MET C 21 28.60 8.23 -22.64
CA MET C 21 29.18 6.89 -22.64
C MET C 21 28.32 5.97 -23.48
N VAL C 22 28.97 5.15 -24.31
CA VAL C 22 28.26 4.23 -25.20
C VAL C 22 27.76 3.04 -24.41
N LEU C 23 26.46 2.76 -24.52
CA LEU C 23 25.84 1.62 -23.85
C LEU C 23 25.77 0.40 -24.77
N THR C 24 25.09 0.54 -25.91
CA THR C 24 24.94 -0.54 -26.89
C THR C 24 25.10 0.04 -28.29
N ALA C 25 25.23 -0.86 -29.27
CA ALA C 25 25.42 -0.45 -30.65
C ALA C 25 25.05 -1.61 -31.57
N THR C 26 24.92 -1.29 -32.85
CA THR C 26 24.62 -2.27 -33.89
C THR C 26 25.67 -2.17 -34.99
N ASP C 27 25.63 -3.12 -35.92
CA ASP C 27 26.62 -3.21 -36.97
C ASP C 27 26.25 -2.31 -38.14
N PRO C 28 27.25 -1.93 -38.96
CA PRO C 28 26.95 -1.18 -40.19
C PRO C 28 26.04 -1.97 -41.12
N PHE C 29 25.09 -1.28 -41.73
CA PHE C 29 24.16 -1.91 -42.65
C PHE C 29 23.77 -0.90 -43.73
N GLU C 30 23.56 -1.42 -44.94
CA GLU C 30 23.21 -0.57 -46.07
C GLU C 30 21.84 0.04 -45.87
N TYR C 31 21.78 1.37 -45.87
CA TYR C 31 20.53 2.10 -45.81
C TYR C 31 20.43 3.03 -47.00
N GLU C 32 19.27 3.68 -47.12
CA GLU C 32 19.02 4.65 -48.18
C GLU C 32 19.03 6.04 -47.54
N SER C 33 20.08 6.81 -47.82
CA SER C 33 20.19 8.15 -47.29
C SER C 33 19.14 9.07 -47.93
N PRO C 34 18.86 10.23 -47.32
CA PRO C 34 17.92 11.18 -47.93
C PRO C 34 18.38 11.73 -49.28
N GLU C 35 19.46 11.18 -49.83
CA GLU C 35 19.97 11.55 -51.14
C GLU C 35 19.90 10.40 -52.14
N HIS C 36 19.15 9.34 -51.83
CA HIS C 36 18.90 8.23 -52.75
C HIS C 36 20.19 7.49 -53.12
N GLU C 37 21.13 7.41 -52.17
CA GLU C 37 22.30 6.56 -52.31
C GLU C 37 22.08 5.27 -51.53
N VAL C 38 23.06 4.38 -51.59
CA VAL C 38 23.05 3.17 -50.78
C VAL C 38 24.26 3.19 -49.84
N LYS C 39 24.25 4.11 -48.88
CA LYS C 39 25.36 4.24 -47.93
C LYS C 39 25.21 3.22 -46.81
N ASN C 40 25.85 3.49 -45.67
CA ASN C 40 25.80 2.60 -44.52
C ASN C 40 25.65 3.43 -43.25
N MET C 41 24.95 2.86 -42.26
CA MET C 41 24.72 3.53 -40.99
C MET C 41 24.61 2.48 -39.90
N LEU C 42 24.56 2.98 -38.65
CA LEU C 42 24.41 2.11 -37.49
C LEU C 42 23.72 2.89 -36.38
N HIS C 43 23.27 2.15 -35.36
CA HIS C 43 22.55 2.72 -34.23
C HIS C 43 23.36 2.57 -32.95
N ALA C 44 22.98 3.34 -31.93
CA ALA C 44 23.63 3.32 -30.62
C ALA C 44 22.80 4.12 -29.65
N THR C 45 23.07 3.91 -28.35
CA THR C 45 22.40 4.61 -27.26
C THR C 45 23.45 5.11 -26.27
N VAL C 46 23.20 6.29 -25.71
CA VAL C 46 24.11 6.91 -24.74
C VAL C 46 23.39 7.13 -23.42
N ALA C 47 24.08 7.76 -22.47
CA ALA C 47 23.50 8.03 -21.15
C ALA C 47 24.34 9.07 -20.44
N THR C 48 23.72 10.19 -20.05
CA THR C 48 24.40 11.24 -19.33
C THR C 48 24.32 10.97 -17.82
N VAL C 49 24.46 12.00 -17.00
CA VAL C 49 24.49 11.86 -15.54
C VAL C 49 23.07 11.82 -15.00
N SER C 50 22.07 11.79 -15.88
CA SER C 50 20.69 11.85 -15.44
C SER C 50 19.70 11.27 -16.44
N GLN C 51 20.11 11.15 -17.71
CA GLN C 51 19.21 10.78 -18.78
C GLN C 51 19.95 9.91 -19.79
N TYR C 52 19.23 9.46 -20.82
CA TYR C 52 19.80 8.68 -21.90
C TYR C 52 19.17 9.08 -23.22
N PHE C 53 19.93 8.93 -24.31
CA PHE C 53 19.48 9.31 -25.64
C PHE C 53 19.67 8.14 -26.62
N HIS C 54 18.96 8.22 -27.73
CA HIS C 54 19.19 7.37 -28.89
C HIS C 54 19.97 8.16 -29.94
N VAL C 55 20.80 7.46 -30.71
CA VAL C 55 21.73 8.09 -31.63
C VAL C 55 21.68 7.39 -32.99
N LYS C 56 21.62 8.18 -34.06
CA LYS C 56 21.82 7.69 -35.42
C LYS C 56 23.17 8.16 -35.91
N VAL C 57 23.86 7.30 -36.66
CA VAL C 57 25.21 7.58 -37.15
C VAL C 57 25.20 7.39 -38.67
N PHE C 58 25.28 8.49 -39.42
CA PHE C 58 25.35 8.41 -40.87
C PHE C 58 26.77 8.34 -41.40
N ASN C 59 27.77 8.68 -40.59
CA ASN C 59 29.17 8.55 -40.97
C ASN C 59 29.68 7.21 -40.47
N ILE C 60 29.99 6.32 -41.41
CA ILE C 60 30.39 4.96 -41.04
C ILE C 60 31.82 4.86 -40.54
N ASN C 61 32.59 5.96 -40.61
CA ASN C 61 33.98 5.95 -40.17
C ASN C 61 34.13 6.11 -38.67
N LEU C 62 33.03 6.28 -37.93
CA LEU C 62 33.06 6.45 -36.49
C LEU C 62 32.75 5.16 -35.74
N LYS C 63 32.84 4.01 -36.41
CA LYS C 63 32.45 2.74 -35.79
C LYS C 63 33.39 2.36 -34.65
N GLU C 64 34.63 2.85 -34.68
CA GLU C 64 35.58 2.52 -33.62
C GLU C 64 35.16 3.14 -32.29
N LYS C 65 34.88 4.44 -32.30
CA LYS C 65 34.49 5.15 -31.07
C LYS C 65 33.10 4.78 -30.59
N PHE C 66 32.36 3.94 -31.32
CA PHE C 66 31.06 3.47 -30.90
C PHE C 66 31.10 2.08 -30.28
N THR C 67 32.23 1.73 -29.64
CA THR C 67 32.31 0.53 -28.82
C THR C 67 31.78 0.82 -27.43
N LYS C 68 31.19 -0.19 -26.81
CA LYS C 68 30.56 0.00 -25.51
C LYS C 68 31.62 0.19 -24.42
N LYS C 69 31.17 0.67 -23.26
CA LYS C 69 32.01 1.01 -22.12
C LYS C 69 33.05 2.08 -22.45
N ASN C 70 32.80 2.87 -23.49
CA ASN C 70 33.73 3.89 -23.96
C ASN C 70 33.06 5.26 -23.87
N PHE C 71 33.85 6.26 -23.49
CA PHE C 71 33.36 7.63 -23.34
C PHE C 71 33.80 8.47 -24.54
N ILE C 72 32.91 9.33 -25.02
CA ILE C 72 33.20 10.25 -26.11
C ILE C 72 32.45 11.55 -25.85
N ILE C 73 32.99 12.63 -26.41
CA ILE C 73 32.39 13.97 -26.28
C ILE C 73 31.88 14.39 -27.66
N ILE C 74 30.66 14.89 -27.70
CA ILE C 74 30.00 15.25 -28.96
C ILE C 74 29.70 16.74 -28.96
N SER C 75 29.71 17.32 -30.17
CA SER C 75 29.34 18.71 -30.37
C SER C 75 28.86 18.87 -31.81
N ASN C 76 27.96 19.82 -32.01
CA ASN C 76 27.35 20.07 -33.31
C ASN C 76 26.56 18.85 -33.80
N TYR C 77 25.77 18.26 -32.92
CA TYR C 77 24.94 17.11 -33.25
C TYR C 77 23.46 17.53 -33.26
N PHE C 78 22.66 16.75 -33.99
CA PHE C 78 21.27 17.09 -34.24
C PHE C 78 20.35 16.38 -33.24
N GLU C 79 19.06 16.71 -33.32
CA GLU C 79 18.05 16.13 -32.44
C GLU C 79 16.71 16.19 -33.16
N SER C 80 16.24 15.05 -33.65
CA SER C 80 14.99 14.95 -34.38
C SER C 80 14.07 13.97 -33.66
N LYS C 81 12.91 14.45 -33.22
CA LYS C 81 11.92 13.66 -32.50
C LYS C 81 12.47 13.05 -31.21
N GLY C 82 13.49 13.68 -30.62
CA GLY C 82 14.15 13.16 -29.44
C GLY C 82 15.36 12.28 -29.70
N ILE C 83 15.67 11.98 -30.95
CA ILE C 83 16.80 11.12 -31.32
C ILE C 83 17.94 12.01 -31.79
N LEU C 84 19.14 11.76 -31.27
CA LEU C 84 20.32 12.50 -31.69
C LEU C 84 20.81 11.97 -33.04
N GLU C 85 21.18 12.89 -33.93
CA GLU C 85 21.68 12.55 -35.25
C GLU C 85 23.09 13.08 -35.40
N ILE C 86 24.04 12.18 -35.65
CA ILE C 86 25.44 12.52 -35.84
C ILE C 86 25.84 11.97 -37.22
N ASN C 87 26.14 12.88 -38.15
CA ASN C 87 26.47 12.51 -39.51
C ASN C 87 27.95 12.80 -39.79
N GLU C 88 28.28 12.96 -41.08
CA GLU C 88 29.66 13.13 -41.51
C GLU C 88 30.21 14.52 -41.23
N THR C 89 29.40 15.42 -40.67
CA THR C 89 29.83 16.78 -40.34
C THR C 89 29.69 17.08 -38.86
N SER C 90 29.81 16.05 -38.02
CA SER C 90 29.71 16.19 -36.57
C SER C 90 31.03 15.78 -35.92
N SER C 91 31.27 16.33 -34.73
CA SER C 91 32.51 16.12 -34.00
C SER C 91 32.31 15.03 -32.96
N VAL C 92 33.02 13.92 -33.10
CA VAL C 92 32.99 12.82 -32.15
C VAL C 92 34.44 12.47 -31.82
N LEU C 93 34.90 12.86 -30.63
CA LEU C 93 36.28 12.66 -30.22
C LEU C 93 36.32 11.79 -28.97
N GLU C 94 37.40 11.01 -28.85
CA GLU C 94 37.57 10.10 -27.72
C GLU C 94 37.93 10.89 -26.46
N ALA C 95 37.20 10.64 -25.38
CA ALA C 95 37.39 11.37 -24.14
C ALA C 95 38.65 10.90 -23.41
N ALA C 96 39.16 11.78 -22.56
CA ALA C 96 40.36 11.55 -21.76
C ALA C 96 40.00 10.86 -20.45
N PRO C 97 40.97 10.24 -19.79
CA PRO C 97 40.67 9.60 -18.49
C PRO C 97 40.19 10.56 -17.42
N ASP C 98 40.30 11.87 -17.63
CA ASP C 98 39.78 12.87 -16.69
C ASP C 98 38.53 13.55 -17.21
N GLN C 99 37.84 12.95 -18.17
CA GLN C 99 36.59 13.48 -18.72
C GLN C 99 35.56 12.36 -18.85
N MET C 100 35.30 11.68 -17.73
CA MET C 100 34.35 10.58 -17.67
C MET C 100 33.18 10.98 -16.78
N ILE C 101 31.96 10.73 -17.26
CA ILE C 101 30.75 11.04 -16.50
C ILE C 101 30.30 9.78 -15.77
N GLU C 102 29.61 9.96 -14.65
CA GLU C 102 29.15 8.87 -13.81
C GLU C 102 27.67 8.63 -14.08
N VAL C 103 27.36 7.51 -14.71
CA VAL C 103 25.98 7.10 -14.96
C VAL C 103 25.60 6.08 -13.90
N PRO C 104 24.62 6.38 -13.04
CA PRO C 104 24.20 5.39 -12.04
C PRO C 104 23.60 4.16 -12.70
N ASN C 105 23.52 3.08 -11.93
CA ASN C 105 22.98 1.82 -12.45
C ASN C 105 21.46 1.89 -12.40
N SER C 106 20.91 3.03 -12.80
CA SER C 106 19.47 3.23 -12.95
C SER C 106 19.09 3.65 -14.35
N ILE C 107 19.88 4.53 -14.98
CA ILE C 107 19.66 4.88 -16.38
C ILE C 107 20.02 3.72 -17.28
N ILE C 108 20.95 2.86 -16.82
CA ILE C 108 21.40 1.73 -17.63
C ILE C 108 20.30 0.69 -17.76
N ARG C 109 19.69 0.31 -16.64
CA ARG C 109 18.61 -0.66 -16.67
C ARG C 109 17.30 -0.08 -17.18
N ASN C 110 17.23 1.23 -17.44
CA ASN C 110 16.04 1.86 -17.99
C ASN C 110 16.15 2.11 -19.48
N ALA C 111 17.35 2.39 -19.98
CA ALA C 111 17.52 2.62 -21.42
C ALA C 111 17.14 1.38 -22.22
N ASN C 112 17.59 0.21 -21.78
CA ASN C 112 17.38 -1.05 -22.50
C ASN C 112 16.06 -1.72 -22.14
N ALA C 113 15.11 -0.97 -21.56
CA ALA C 113 13.81 -1.52 -21.21
C ALA C 113 12.88 -1.40 -22.42
N SER C 114 12.33 -2.53 -22.87
CA SER C 114 11.40 -2.51 -23.98
C SER C 114 10.00 -2.14 -23.48
N PRO C 115 9.27 -1.31 -24.21
CA PRO C 115 7.98 -0.81 -23.74
C PRO C 115 6.89 -1.87 -23.86
N LYS C 116 5.70 -1.51 -23.39
CA LYS C 116 4.52 -2.35 -23.50
C LYS C 116 3.69 -1.91 -24.70
N ILE C 117 3.02 -2.88 -25.32
CA ILE C 117 2.27 -2.61 -26.54
C ILE C 117 1.03 -1.78 -26.26
N CYS C 118 0.40 -2.01 -25.10
CA CYS C 118 -0.76 -1.20 -24.73
C CYS C 118 -0.40 0.28 -24.70
N ASP C 119 0.81 0.61 -24.25
CA ASP C 119 1.28 1.99 -24.24
C ASP C 119 1.74 2.47 -25.62
N ILE C 120 1.92 1.56 -26.57
CA ILE C 120 2.14 1.98 -27.94
C ILE C 120 0.83 2.35 -28.61
N GLN C 121 -0.28 1.77 -28.14
CA GLN C 121 -1.61 2.08 -28.65
C GLN C 121 -2.17 3.39 -28.10
N LYS C 122 -1.40 4.12 -27.29
CA LYS C 122 -1.87 5.37 -26.69
C LYS C 122 -1.21 6.61 -27.26
N GLY C 123 -0.07 6.48 -27.96
CA GLY C 123 0.66 7.63 -28.43
C GLY C 123 0.07 8.28 -29.67
N THR C 124 0.62 9.42 -30.02
CA THR C 124 0.19 10.16 -31.20
C THR C 124 0.95 9.67 -32.43
N SER C 125 0.40 9.99 -33.60
CA SER C 125 0.99 9.57 -34.87
C SER C 125 2.22 10.42 -35.18
N GLY C 126 3.31 9.75 -35.57
CA GLY C 126 4.54 10.43 -35.94
C GLY C 126 5.70 10.23 -34.97
N ALA C 127 5.49 9.51 -33.88
CA ALA C 127 6.54 9.30 -32.89
C ALA C 127 7.40 8.08 -33.24
N VAL C 128 8.54 7.97 -32.58
CA VAL C 128 9.50 6.90 -32.82
C VAL C 128 9.53 5.98 -31.61
N PHE C 129 9.86 4.72 -31.86
CA PHE C 129 9.90 3.70 -30.81
C PHE C 129 11.14 2.83 -30.98
N TYR C 130 11.47 2.12 -29.89
CA TYR C 130 12.55 1.15 -29.88
C TYR C 130 12.19 0.05 -28.89
N GLY C 131 12.37 -1.22 -29.29
CA GLY C 131 12.08 -2.31 -28.38
C GLY C 131 12.15 -3.64 -29.07
N VAL C 132 12.16 -4.69 -28.25
CA VAL C 132 12.19 -6.08 -28.68
C VAL C 132 10.86 -6.73 -28.30
N PHE C 133 10.33 -7.56 -29.19
CA PHE C 133 9.05 -8.20 -28.94
C PHE C 133 9.01 -9.58 -29.55
N THR C 134 8.28 -10.47 -28.90
CA THR C 134 7.97 -11.77 -29.47
C THR C 134 6.88 -11.62 -30.52
N LEU C 135 7.05 -12.32 -31.64
CA LEU C 135 6.12 -12.24 -32.76
C LEU C 135 4.96 -13.21 -32.54
N HIS C 136 3.73 -12.72 -32.72
CA HIS C 136 2.55 -13.55 -32.53
C HIS C 136 2.14 -14.25 -33.83
N LYS C 137 1.97 -13.49 -34.91
CA LYS C 137 1.67 -14.08 -36.20
C LYS C 137 2.19 -13.16 -37.30
N LYS C 138 2.66 -13.77 -38.39
CA LYS C 138 3.17 -13.06 -39.54
C LYS C 138 2.26 -13.33 -40.74
N THR C 139 2.06 -12.30 -41.56
CA THR C 139 1.19 -12.40 -42.74
C THR C 139 1.90 -11.70 -43.89
N VAL C 140 2.54 -12.49 -44.77
CA VAL C 140 3.32 -11.94 -45.86
C VAL C 140 2.38 -11.44 -46.96
N ASN C 141 2.64 -10.23 -47.43
CA ASN C 141 1.90 -9.64 -48.55
C ASN C 141 2.83 -9.52 -49.75
N ARG C 142 2.35 -8.85 -50.80
CA ARG C 142 3.13 -8.73 -52.03
C ARG C 142 4.38 -7.88 -51.81
N LYS C 143 4.22 -6.73 -51.18
CA LYS C 143 5.32 -5.78 -51.02
C LYS C 143 5.61 -5.41 -49.58
N ASN C 144 4.77 -5.82 -48.63
CA ASN C 144 5.04 -5.59 -47.22
C ASN C 144 4.64 -6.86 -46.46
N THR C 145 4.55 -6.74 -45.14
CA THR C 145 4.18 -7.87 -44.31
C THR C 145 3.72 -7.35 -42.96
N ILE C 146 2.61 -7.89 -42.46
CA ILE C 146 2.03 -7.46 -41.18
C ILE C 146 2.59 -8.39 -40.10
N TYR C 147 3.53 -7.87 -39.31
CA TYR C 147 4.13 -8.63 -38.22
C TYR C 147 3.38 -8.30 -36.93
N GLU C 148 2.54 -9.22 -36.49
CA GLU C 148 1.76 -9.01 -35.27
C GLU C 148 2.63 -9.38 -34.08
N ILE C 149 3.17 -8.37 -33.39
CA ILE C 149 3.91 -8.60 -32.16
C ILE C 149 2.93 -8.49 -30.99
N LYS C 150 3.25 -9.21 -29.91
CA LYS C 150 2.33 -9.31 -28.78
C LYS C 150 3.12 -9.59 -27.51
N ASP C 151 2.74 -8.89 -26.43
CA ASP C 151 3.25 -9.21 -25.11
C ASP C 151 2.09 -9.24 -24.13
N GLY C 152 2.38 -9.24 -22.83
CA GLY C 152 1.33 -9.28 -21.83
C GLY C 152 0.40 -8.09 -21.83
N SER C 153 0.80 -6.97 -22.45
CA SER C 153 0.03 -5.74 -22.41
C SER C 153 -0.94 -5.58 -23.58
N GLY C 154 -0.78 -6.37 -24.64
CA GLY C 154 -1.69 -6.28 -25.77
C GLY C 154 -0.97 -6.60 -27.06
N SER C 155 -1.74 -6.60 -28.14
CA SER C 155 -1.26 -6.90 -29.47
C SER C 155 -1.30 -5.64 -30.33
N ILE C 156 -0.44 -5.63 -31.35
CA ILE C 156 -0.37 -4.51 -32.28
C ILE C 156 0.24 -5.02 -33.58
N GLU C 157 0.07 -4.25 -34.65
CA GLU C 157 0.52 -4.64 -35.98
C GLU C 157 1.76 -3.83 -36.36
N VAL C 158 2.67 -4.48 -37.08
CA VAL C 158 3.88 -3.84 -37.59
C VAL C 158 3.96 -4.07 -39.09
N VAL C 159 4.18 -3.00 -39.85
CA VAL C 159 4.23 -3.04 -41.30
C VAL C 159 5.66 -2.85 -41.74
N GLY C 160 6.15 -3.75 -42.58
CA GLY C 160 7.54 -3.71 -43.00
C GLY C 160 7.74 -3.76 -44.51
N SER C 161 8.38 -2.73 -45.06
CA SER C 161 8.59 -2.61 -46.49
C SER C 161 10.02 -2.17 -46.76
N GLY C 162 10.41 -2.24 -48.03
CA GLY C 162 11.74 -1.80 -48.47
C GLY C 162 12.78 -2.92 -48.32
N LYS C 163 13.72 -2.73 -47.41
CA LYS C 163 14.72 -3.76 -47.13
C LYS C 163 14.22 -4.79 -46.13
N TRP C 164 13.25 -4.43 -45.29
CA TRP C 164 12.71 -5.33 -44.28
C TRP C 164 11.41 -5.99 -44.70
N HIS C 165 11.03 -5.88 -45.98
CA HIS C 165 9.88 -6.61 -46.48
C HIS C 165 10.28 -8.06 -46.75
N ASN C 166 9.51 -8.99 -46.17
CA ASN C 166 9.75 -10.42 -46.33
C ASN C 166 11.13 -10.78 -45.82
N ILE C 167 11.29 -10.87 -44.50
CA ILE C 167 12.57 -11.21 -43.88
C ILE C 167 12.50 -12.61 -43.27
N ASN C 168 13.66 -13.16 -42.99
CA ASN C 168 13.78 -14.54 -42.52
C ASN C 168 13.45 -14.59 -41.03
N CYS C 169 12.20 -14.91 -40.71
CA CYS C 169 11.77 -15.09 -39.34
C CYS C 169 10.47 -15.89 -39.35
N LYS C 170 10.20 -16.53 -38.22
CA LYS C 170 9.02 -17.38 -38.06
C LYS C 170 8.15 -16.86 -36.92
N GLU C 171 7.04 -17.55 -36.68
CA GLU C 171 6.11 -17.13 -35.64
C GLU C 171 6.68 -17.44 -34.25
N GLY C 172 7.41 -16.49 -33.67
CA GLY C 172 7.92 -16.65 -32.31
C GLY C 172 9.28 -16.04 -32.06
N ASP C 173 9.73 -15.15 -32.94
CA ASP C 173 11.06 -14.58 -32.84
C ASP C 173 11.04 -13.29 -32.03
N LYS C 174 12.04 -13.12 -31.16
CA LYS C 174 12.31 -11.84 -30.53
C LYS C 174 12.79 -10.87 -31.59
N LEU C 175 11.89 -10.05 -32.10
CA LEU C 175 12.23 -9.09 -33.15
C LEU C 175 12.67 -7.80 -32.49
N HIS C 176 14.00 -7.58 -32.44
CA HIS C 176 14.54 -6.32 -31.96
C HIS C 176 14.39 -5.29 -33.06
N LEU C 177 13.73 -4.18 -32.75
CA LEU C 177 13.33 -3.19 -33.74
C LEU C 177 13.99 -1.86 -33.44
N PHE C 178 14.30 -1.12 -34.50
CA PHE C 178 14.99 0.16 -34.39
C PHE C 178 14.28 1.20 -35.25
N CYS C 179 13.84 2.28 -34.61
CA CYS C 179 13.30 3.46 -35.30
C CYS C 179 12.10 3.12 -36.18
N PHE C 180 10.92 3.00 -35.57
CA PHE C 180 9.69 2.76 -36.29
C PHE C 180 8.67 3.84 -35.97
N HIS C 181 7.90 4.24 -36.97
CA HIS C 181 6.92 5.31 -36.83
C HIS C 181 5.53 4.73 -36.59
N LEU C 182 4.81 5.33 -35.64
CA LEU C 182 3.44 4.94 -35.36
C LEU C 182 2.48 5.62 -36.31
N LYS C 183 1.50 4.87 -36.82
CA LYS C 183 0.56 5.41 -37.80
C LYS C 183 -0.83 4.87 -37.51
N THR C 184 -1.83 5.74 -37.65
CA THR C 184 -3.22 5.36 -37.48
C THR C 184 -3.76 4.87 -38.82
N ILE C 185 -3.59 3.57 -39.07
CA ILE C 185 -4.04 2.93 -40.30
C ILE C 185 -5.20 2.00 -39.97
N ASP C 186 -6.26 2.07 -40.78
CA ASP C 186 -7.46 1.24 -40.59
C ASP C 186 -8.12 1.52 -39.24
N ARG C 187 -7.91 2.72 -38.70
CA ARG C 187 -8.49 3.09 -37.40
C ARG C 187 -7.86 2.37 -36.20
N GLN C 188 -6.81 1.61 -36.44
CA GLN C 188 -6.12 0.88 -35.39
C GLN C 188 -4.63 1.23 -35.38
N PRO C 189 -3.95 1.03 -34.26
CA PRO C 189 -2.51 1.32 -34.22
C PRO C 189 -1.69 0.37 -35.07
N LYS C 190 -1.11 0.88 -36.15
CA LYS C 190 -0.12 0.17 -36.94
C LYS C 190 1.24 0.84 -36.74
N LEU C 191 2.29 0.05 -36.95
CA LEU C 191 3.67 0.52 -36.79
C LEU C 191 4.41 0.27 -38.10
N VAL C 192 4.80 1.36 -38.77
CA VAL C 192 5.48 1.28 -40.06
C VAL C 192 6.90 1.79 -39.89
N CYS C 193 7.79 1.32 -40.76
CA CYS C 193 9.18 1.74 -40.70
C CYS C 193 9.37 3.08 -41.40
N GLY C 194 10.56 3.65 -41.25
CA GLY C 194 10.87 4.92 -41.86
C GLY C 194 11.98 4.83 -42.89
N GLU C 195 13.14 5.41 -42.57
CA GLU C 195 14.27 5.42 -43.48
C GLU C 195 15.54 4.96 -42.77
N HIS C 196 15.62 5.21 -41.46
CA HIS C 196 16.77 4.84 -40.64
C HIS C 196 16.49 3.59 -39.80
N SER C 197 15.60 2.72 -40.26
CA SER C 197 15.14 1.61 -39.45
C SER C 197 16.11 0.44 -39.49
N PHE C 198 15.93 -0.49 -38.55
CA PHE C 198 16.79 -1.67 -38.44
C PHE C 198 16.07 -2.73 -37.62
N ILE C 199 16.35 -3.99 -37.95
CA ILE C 199 15.76 -5.13 -37.25
C ILE C 199 16.83 -6.20 -37.09
N LYS C 200 17.18 -6.53 -35.85
CA LYS C 200 18.00 -7.69 -35.54
C LYS C 200 17.09 -8.79 -35.02
N ILE C 201 17.25 -9.99 -35.56
CA ILE C 201 16.38 -11.13 -35.26
C ILE C 201 17.06 -12.00 -34.20
N SER C 202 16.25 -12.56 -33.29
CA SER C 202 16.78 -13.35 -32.18
C SER C 202 15.76 -14.44 -31.86
N LYS C 203 16.00 -15.63 -32.39
CA LYS C 203 15.09 -16.79 -32.17
C LYS C 203 15.60 -17.62 -30.99
N ARG C 204 14.70 -18.01 -30.09
CA ARG C 204 15.07 -18.82 -28.89
C ARG C 204 14.79 -20.29 -29.17
N GLY C 205 15.42 -20.85 -30.19
CA GLY C 205 15.09 -22.18 -30.68
C GLY C 205 15.53 -23.33 -29.79
N ASN C 206 14.56 -23.96 -29.13
CA ASN C 206 14.81 -25.19 -28.38
C ASN C 206 13.49 -25.94 -28.25
N VAL C 207 13.55 -27.26 -28.43
CA VAL C 207 12.35 -28.08 -28.35
C VAL C 207 12.76 -29.52 -28.03
N PRO C 208 12.57 -29.97 -26.79
CA PRO C 208 12.87 -31.37 -26.46
C PRO C 208 11.69 -32.29 -26.78
N LYS C 209 11.37 -33.18 -25.85
CA LYS C 209 10.25 -34.13 -25.97
C LYS C 209 10.48 -34.95 -27.24
N GLU C 210 9.50 -35.05 -28.13
CA GLU C 210 9.64 -35.80 -29.38
C GLU C 210 8.57 -35.34 -30.36
N PRO C 211 8.94 -34.62 -31.42
CA PRO C 211 7.94 -34.14 -32.39
C PRO C 211 7.18 -35.30 -33.02
N ALA C 212 5.86 -35.20 -33.01
CA ALA C 212 4.97 -36.25 -33.50
C ALA C 212 4.04 -35.65 -34.55
N LYS C 213 4.36 -35.85 -35.82
CA LYS C 213 3.55 -35.31 -36.89
C LYS C 213 2.40 -36.27 -37.20
N GLU C 214 1.18 -35.74 -37.27
CA GLU C 214 0.00 -36.55 -37.51
C GLU C 214 -0.27 -36.70 -39.01
N GLU C 215 -1.55 -36.69 -39.38
CA GLU C 215 -2.00 -36.78 -40.77
C GLU C 215 -1.65 -38.12 -41.40
N ASP C 216 -2.65 -38.96 -41.64
CA ASP C 216 -2.43 -40.23 -42.31
C ASP C 216 -2.42 -40.03 -43.82
N HIS C 217 -1.74 -40.94 -44.52
CA HIS C 217 -1.48 -40.85 -45.96
C HIS C 217 -0.73 -39.58 -46.34
N HIS C 218 -0.22 -38.85 -45.36
CA HIS C 218 0.53 -37.59 -45.56
C HIS C 218 1.85 -37.89 -46.27
N HIS C 219 1.84 -37.83 -47.61
CA HIS C 219 3.06 -38.09 -48.39
C HIS C 219 3.79 -36.77 -48.66
N GLY C 220 4.86 -36.81 -49.44
CA GLY C 220 5.62 -35.58 -49.73
C GLY C 220 7.08 -35.75 -49.41
N PRO C 221 7.83 -34.66 -49.13
CA PRO C 221 9.24 -34.73 -48.83
C PRO C 221 9.51 -34.30 -47.38
N LYS C 222 10.65 -34.71 -46.85
CA LYS C 222 11.07 -34.37 -45.46
C LYS C 222 12.56 -34.73 -45.33
N GLN C 223 13.30 -34.49 -46.40
CA GLN C 223 14.75 -34.76 -46.53
C GLN C 223 15.46 -34.42 -45.22
N VAL C 224 15.53 -35.40 -44.33
CA VAL C 224 16.19 -35.20 -43.00
C VAL C 224 17.60 -35.76 -43.00
N MET C 225 18.14 -36.05 -41.82
CA MET C 225 19.49 -36.57 -41.71
C MET C 225 19.49 -37.75 -40.75
N VAL C 226 20.11 -38.85 -41.18
CA VAL C 226 20.19 -40.04 -40.34
C VAL C 226 21.14 -39.78 -39.19
N LEU C 227 20.70 -40.10 -37.97
CA LEU C 227 21.48 -39.78 -36.78
C LEU C 227 21.94 -41.04 -36.05
N LYS C 228 21.05 -41.68 -35.30
CA LYS C 228 21.35 -42.95 -34.65
C LYS C 228 20.32 -43.98 -35.06
N VAL C 229 20.78 -45.22 -35.25
CA VAL C 229 19.94 -46.29 -35.77
C VAL C 229 20.26 -47.56 -35.00
N THR C 230 19.35 -48.53 -35.08
CA THR C 230 19.49 -49.82 -34.43
C THR C 230 19.58 -50.93 -35.48
N GLU C 231 20.31 -51.98 -35.14
CA GLU C 231 20.47 -53.10 -36.05
C GLU C 231 19.11 -53.76 -36.30
N PRO C 232 18.91 -54.40 -37.45
CA PRO C 232 17.63 -55.02 -37.74
C PRO C 232 17.36 -56.21 -36.81
N PHE C 233 16.08 -56.55 -36.70
CA PHE C 233 15.65 -57.63 -35.84
C PHE C 233 14.30 -58.14 -36.31
N THR C 234 13.91 -59.30 -35.80
CA THR C 234 12.62 -59.90 -36.11
C THR C 234 11.62 -59.54 -35.02
N TYR C 235 10.45 -59.07 -35.43
CA TYR C 235 9.39 -58.72 -34.48
C TYR C 235 8.16 -59.60 -34.63
N ASP C 236 8.13 -60.53 -35.58
CA ASP C 236 7.02 -61.47 -35.75
C ASP C 236 7.63 -62.83 -36.04
N LEU C 237 7.73 -63.67 -35.02
CA LEU C 237 8.46 -64.94 -35.17
C LEU C 237 7.73 -65.91 -36.08
N LYS C 238 6.40 -65.77 -36.22
CA LYS C 238 5.67 -66.59 -37.17
C LYS C 238 6.18 -66.37 -38.59
N GLU C 239 6.17 -65.12 -39.05
CA GLU C 239 6.54 -64.79 -40.42
C GLU C 239 7.92 -64.18 -40.55
N ASP C 240 8.68 -64.11 -39.46
CA ASP C 240 10.05 -63.59 -39.47
C ASP C 240 10.14 -62.24 -40.16
N LYS C 241 9.42 -61.27 -39.61
CA LYS C 241 9.38 -59.92 -40.15
C LYS C 241 10.49 -59.08 -39.55
N ARG C 242 11.23 -58.40 -40.41
CA ARG C 242 12.44 -57.67 -40.02
C ARG C 242 12.17 -56.18 -40.01
N MET C 243 12.73 -55.49 -39.01
CA MET C 243 12.55 -54.05 -38.87
C MET C 243 13.71 -53.50 -38.07
N PHE C 244 13.70 -52.18 -37.87
CA PHE C 244 14.64 -51.49 -37.01
C PHE C 244 14.24 -50.03 -36.85
N HIS C 245 14.52 -49.43 -35.70
CA HIS C 245 14.17 -48.04 -35.47
C HIS C 245 15.32 -47.12 -35.84
N ALA C 246 14.98 -45.87 -36.15
CA ALA C 246 15.98 -44.87 -36.49
C ALA C 246 15.48 -43.51 -36.02
N THR C 247 16.37 -42.70 -35.47
CA THR C 247 16.08 -41.32 -35.10
C THR C 247 16.75 -40.42 -36.11
N VAL C 248 15.95 -39.58 -36.77
CA VAL C 248 16.45 -38.63 -37.75
C VAL C 248 15.97 -37.24 -37.36
N ALA C 249 16.46 -36.23 -38.07
CA ALA C 249 16.12 -34.85 -37.71
C ALA C 249 16.30 -33.93 -38.91
N THR C 250 15.36 -33.01 -39.08
CA THR C 250 15.55 -31.84 -39.92
C THR C 250 16.37 -30.81 -39.14
N GLU C 251 16.42 -29.58 -39.65
CA GLU C 251 17.06 -28.50 -38.90
C GLU C 251 16.15 -27.93 -37.83
N THR C 252 14.84 -28.16 -37.92
CA THR C 252 13.87 -27.60 -36.98
C THR C 252 13.44 -28.60 -35.90
N GLU C 253 13.18 -29.84 -36.28
CA GLU C 253 12.70 -30.86 -35.36
C GLU C 253 13.42 -32.17 -35.64
N PHE C 254 13.10 -33.19 -34.83
CA PHE C 254 13.58 -34.55 -35.04
C PHE C 254 12.40 -35.50 -35.01
N PHE C 255 12.59 -36.68 -35.59
CA PHE C 255 11.50 -37.65 -35.68
C PHE C 255 12.02 -39.05 -35.42
N ARG C 256 11.23 -39.84 -34.68
CA ARG C 256 11.53 -41.23 -34.44
C ARG C 256 10.87 -42.07 -35.53
N VAL C 257 11.68 -42.88 -36.20
CA VAL C 257 11.29 -43.56 -37.44
C VAL C 257 11.23 -45.06 -37.18
N LYS C 258 10.17 -45.70 -37.66
CA LYS C 258 10.00 -47.14 -37.64
C LYS C 258 10.14 -47.65 -39.08
N VAL C 259 11.25 -48.30 -39.37
CA VAL C 259 11.52 -48.83 -40.70
C VAL C 259 11.23 -50.32 -40.71
N PHE C 260 10.37 -50.76 -41.62
CA PHE C 260 9.97 -52.16 -41.71
C PHE C 260 10.56 -52.87 -42.91
N ASP C 261 11.28 -52.17 -43.78
CA ASP C 261 11.99 -52.77 -44.91
C ASP C 261 13.48 -52.57 -44.68
N THR C 262 14.18 -53.63 -44.32
CA THR C 262 15.56 -53.55 -43.87
C THR C 262 16.56 -53.38 -45.02
N ALA C 263 16.10 -53.42 -46.27
CA ALA C 263 17.00 -53.17 -47.39
C ALA C 263 17.57 -51.76 -47.34
N LEU C 264 16.92 -50.84 -46.64
CA LEU C 264 17.42 -49.48 -46.45
C LEU C 264 18.44 -49.39 -45.34
N LYS C 265 18.85 -50.53 -44.77
CA LYS C 265 19.96 -50.53 -43.82
C LYS C 265 21.20 -49.88 -44.41
N SER C 266 21.40 -50.04 -45.73
CA SER C 266 22.51 -49.37 -46.40
C SER C 266 22.23 -47.90 -46.66
N LYS C 267 20.98 -47.46 -46.58
CA LYS C 267 20.63 -46.06 -46.75
C LYS C 267 20.28 -45.36 -45.45
N PHE C 268 20.07 -46.11 -44.36
CA PHE C 268 19.89 -45.53 -43.03
C PHE C 268 21.19 -45.52 -42.23
N ILE C 269 22.31 -45.34 -42.91
CA ILE C 269 23.61 -45.18 -42.24
C ILE C 269 23.66 -43.78 -41.63
N PRO C 270 24.17 -43.62 -40.41
CA PRO C 270 24.22 -42.29 -39.78
C PRO C 270 25.01 -41.30 -40.63
N ARG C 271 24.87 -40.02 -40.26
CA ARG C 271 25.55 -38.92 -40.91
C ARG C 271 25.19 -38.81 -42.40
N ASN C 272 24.03 -39.31 -42.79
CA ASN C 272 23.59 -39.27 -44.18
C ASN C 272 22.31 -38.45 -44.30
N ILE C 273 22.13 -37.85 -45.47
CA ILE C 273 21.01 -36.95 -45.74
C ILE C 273 20.10 -37.58 -46.77
N ILE C 274 18.80 -37.62 -46.48
CA ILE C 274 17.83 -38.27 -47.35
C ILE C 274 16.53 -37.47 -47.39
N ALA C 275 15.75 -37.69 -48.44
CA ALA C 275 14.44 -37.08 -48.64
C ALA C 275 13.41 -38.19 -48.77
N ILE C 276 12.65 -38.49 -47.70
CA ILE C 276 11.78 -39.72 -47.67
C ILE C 276 10.28 -39.41 -47.72
N SER C 277 9.56 -40.12 -48.62
CA SER C 277 8.23 -39.95 -49.21
C SER C 277 7.21 -40.58 -48.26
N ASP C 278 6.33 -41.48 -48.72
CA ASP C 278 5.15 -41.96 -48.01
C ASP C 278 5.40 -42.25 -46.54
N TYR C 279 4.78 -41.46 -45.65
CA TYR C 279 4.89 -41.65 -44.22
C TYR C 279 3.52 -41.44 -43.59
N PHE C 280 3.21 -42.27 -42.59
CA PHE C 280 1.92 -42.27 -41.91
C PHE C 280 2.15 -41.98 -40.43
N GLY C 281 1.62 -40.85 -39.95
CA GLY C 281 1.81 -40.45 -38.57
C GLY C 281 1.02 -41.28 -37.58
N CYS C 282 1.57 -42.43 -37.20
CA CYS C 282 0.90 -43.39 -36.32
C CYS C 282 1.65 -43.46 -35.00
N ASN C 283 0.93 -43.17 -33.90
CA ASN C 283 1.50 -43.18 -32.55
C ASN C 283 2.70 -42.25 -32.44
N GLY C 284 2.72 -41.18 -33.23
CA GLY C 284 3.81 -40.24 -33.23
C GLY C 284 5.01 -40.65 -34.06
N PHE C 285 5.05 -41.87 -34.57
CA PHE C 285 6.19 -42.36 -35.32
C PHE C 285 6.00 -42.11 -36.81
N LEU C 286 7.12 -42.00 -37.52
CA LEU C 286 7.13 -41.91 -38.98
C LEU C 286 7.40 -43.32 -39.51
N GLU C 287 6.33 -44.02 -39.90
CA GLU C 287 6.41 -45.42 -40.29
C GLU C 287 6.59 -45.51 -41.79
N ILE C 288 7.77 -45.92 -42.23
CA ILE C 288 8.02 -46.22 -43.63
C ILE C 288 7.64 -47.67 -43.89
N TYR C 289 6.97 -47.91 -45.03
CA TYR C 289 6.56 -49.24 -45.41
C TYR C 289 7.22 -49.74 -46.69
N ARG C 290 8.03 -48.92 -47.34
CA ARG C 290 8.63 -49.30 -48.61
C ARG C 290 9.93 -48.53 -48.82
N ALA C 291 10.93 -49.24 -49.36
CA ALA C 291 12.21 -48.61 -49.65
C ALA C 291 12.11 -47.56 -50.75
N SER C 292 11.07 -47.63 -51.57
CA SER C 292 10.91 -46.70 -52.69
C SER C 292 10.65 -45.26 -52.25
N CYS C 293 10.66 -44.99 -50.95
CA CYS C 293 10.46 -43.65 -50.43
C CYS C 293 11.76 -43.02 -49.93
N VAL C 294 12.91 -43.62 -50.27
CA VAL C 294 14.18 -43.08 -49.83
C VAL C 294 15.16 -42.98 -50.99
N SER C 295 15.41 -41.76 -51.45
CA SER C 295 16.46 -41.53 -52.44
C SER C 295 17.78 -41.37 -51.72
N ASP C 296 18.81 -42.06 -52.22
CA ASP C 296 20.13 -41.99 -51.59
C ASP C 296 20.60 -40.55 -51.46
N VAL C 297 20.83 -39.89 -52.61
CA VAL C 297 21.19 -38.48 -52.65
C VAL C 297 22.40 -38.20 -51.78
N ASN C 298 23.27 -39.20 -51.63
CA ASN C 298 24.39 -39.12 -50.70
C ASN C 298 25.62 -38.47 -51.35
N VAL C 299 25.42 -37.23 -51.81
CA VAL C 299 26.49 -36.45 -52.44
C VAL C 299 26.09 -34.98 -52.50
N ASN C 300 24.91 -34.65 -51.98
CA ASN C 300 24.41 -33.28 -51.97
C ASN C 300 24.17 -32.82 -50.54
N PRO C 301 24.96 -31.87 -50.02
CA PRO C 301 24.80 -31.44 -48.63
C PRO C 301 23.52 -30.65 -48.43
N THR C 302 23.24 -30.35 -47.16
CA THR C 302 22.07 -29.57 -46.78
C THR C 302 22.21 -29.02 -45.36
N MET C 303 21.81 -29.80 -44.38
CA MET C 303 21.70 -29.34 -43.00
C MET C 303 23.04 -29.38 -42.29
N VAL C 304 23.01 -29.04 -41.00
CA VAL C 304 24.18 -29.16 -40.12
C VAL C 304 23.71 -29.53 -38.72
N ILE C 305 22.46 -29.16 -38.40
CA ILE C 305 21.81 -29.45 -37.12
C ILE C 305 22.59 -28.79 -35.99
N SER C 306 22.08 -27.66 -35.50
CA SER C 306 22.82 -26.80 -34.58
C SER C 306 23.07 -27.44 -33.22
N ASN C 307 23.94 -28.45 -33.17
CA ASN C 307 24.46 -29.01 -31.92
C ASN C 307 23.38 -29.31 -30.88
N THR C 308 22.76 -28.26 -30.35
CA THR C 308 21.76 -28.41 -29.29
C THR C 308 20.59 -29.26 -29.74
N LEU C 309 20.24 -29.21 -31.03
CA LEU C 309 19.22 -30.12 -31.55
C LEU C 309 19.69 -31.56 -31.47
N ARG C 310 20.93 -31.82 -31.87
CA ARG C 310 21.58 -33.13 -31.79
C ARG C 310 21.32 -33.80 -30.45
N GLN C 311 21.94 -33.26 -29.38
CA GLN C 311 21.75 -33.84 -28.04
C GLN C 311 20.27 -33.89 -27.67
N ARG C 312 19.48 -32.95 -28.16
CA ARG C 312 18.04 -32.98 -27.88
C ARG C 312 17.40 -34.23 -28.47
N ALA C 313 17.76 -34.57 -29.72
CA ALA C 313 17.14 -35.72 -30.37
C ALA C 313 17.59 -37.02 -29.73
N ASN C 314 18.90 -37.20 -29.57
CA ASN C 314 19.42 -38.38 -28.86
C ASN C 314 19.55 -38.12 -27.37
N ALA C 315 18.58 -37.42 -26.80
CA ALA C 315 18.54 -37.26 -25.35
C ALA C 315 18.09 -38.56 -24.70
N THR C 316 18.54 -38.77 -23.47
CA THR C 316 18.02 -39.85 -22.65
C THR C 316 17.09 -39.23 -21.61
N PRO C 317 15.78 -39.48 -21.68
CA PRO C 317 14.84 -38.76 -20.82
C PRO C 317 15.08 -38.98 -19.34
N LYS C 318 14.35 -38.25 -18.51
CA LYS C 318 14.48 -38.35 -17.06
C LYS C 318 13.22 -38.97 -16.47
N ILE C 319 13.42 -39.89 -15.51
CA ILE C 319 12.31 -40.56 -14.86
C ILE C 319 11.35 -39.54 -14.26
N SER C 320 11.89 -38.45 -13.69
CA SER C 320 11.05 -37.36 -13.23
C SER C 320 10.21 -36.80 -14.37
N TYR C 321 10.78 -36.71 -15.57
CA TYR C 321 10.01 -36.22 -16.72
C TYR C 321 8.97 -37.24 -17.17
N LEU C 322 9.26 -38.53 -16.99
CA LEU C 322 8.29 -39.55 -17.39
C LEU C 322 7.09 -39.58 -16.44
N PHE C 323 7.31 -39.27 -15.16
CA PHE C 323 6.19 -39.17 -14.24
C PHE C 323 5.17 -38.12 -14.64
N SER C 324 5.47 -37.30 -15.65
CA SER C 324 4.60 -36.21 -16.09
C SER C 324 4.14 -36.35 -17.53
N GLN C 325 4.11 -37.57 -18.07
CA GLN C 325 3.64 -37.81 -19.42
C GLN C 325 2.41 -38.70 -19.41
N ALA C 326 1.61 -38.59 -20.47
CA ALA C 326 0.35 -39.31 -20.56
C ALA C 326 0.62 -40.82 -20.58
N ARG C 327 -0.15 -41.55 -19.78
CA ARG C 327 0.02 -43.00 -19.66
C ARG C 327 -0.34 -43.69 -20.97
N GLY C 328 0.62 -43.81 -21.88
CA GLY C 328 0.40 -44.41 -23.17
C GLY C 328 1.42 -43.98 -24.21
N THR C 329 2.39 -43.18 -23.78
CA THR C 329 3.43 -42.67 -24.67
C THR C 329 4.67 -43.56 -24.63
N PHE C 330 5.45 -43.49 -25.69
CA PHE C 330 6.57 -44.40 -25.91
C PHE C 330 7.90 -43.68 -25.70
N VAL C 331 8.92 -44.43 -25.30
CA VAL C 331 10.17 -43.88 -24.78
C VAL C 331 11.35 -44.44 -25.55
N SER C 332 12.53 -43.86 -25.32
CA SER C 332 13.79 -44.34 -25.89
C SER C 332 14.94 -43.72 -25.09
N GLY C 333 15.64 -44.54 -24.30
CA GLY C 333 16.71 -44.04 -23.48
C GLY C 333 17.64 -45.14 -22.99
N GLU C 334 18.64 -44.73 -22.20
CA GLU C 334 19.65 -45.61 -21.66
C GLU C 334 19.73 -45.44 -20.15
N TYR C 335 19.66 -46.54 -19.40
CA TYR C 335 19.56 -46.46 -17.94
C TYR C 335 20.29 -47.63 -17.29
N LEU C 336 20.54 -47.48 -15.99
CA LEU C 336 21.30 -48.46 -15.22
C LEU C 336 20.38 -49.43 -14.49
N VAL C 337 20.65 -50.72 -14.61
CA VAL C 337 19.89 -51.75 -13.91
C VAL C 337 20.56 -52.02 -12.56
N ASN C 338 19.74 -52.39 -11.58
CA ASN C 338 20.25 -52.85 -10.29
C ASN C 338 19.53 -54.08 -9.74
N LYS C 339 18.32 -54.39 -10.21
CA LYS C 339 17.56 -55.54 -9.74
C LYS C 339 17.09 -56.37 -10.93
N LYS C 340 16.71 -57.62 -10.65
CA LYS C 340 16.27 -58.52 -11.72
C LYS C 340 15.57 -59.70 -11.07
N THR C 341 14.25 -59.76 -11.23
CA THR C 341 13.45 -60.89 -10.81
C THR C 341 12.75 -61.50 -12.02
N GLU C 342 12.66 -62.82 -12.05
CA GLU C 342 12.05 -63.55 -13.16
C GLU C 342 10.84 -64.31 -12.67
N ARG C 343 9.66 -63.95 -13.19
CA ARG C 343 8.40 -64.62 -12.89
C ARG C 343 7.76 -65.08 -14.19
N ASN C 344 7.19 -66.29 -14.15
CA ASN C 344 6.61 -67.01 -15.30
C ASN C 344 6.71 -66.29 -16.64
N LYS C 345 7.87 -66.44 -17.31
CA LYS C 345 8.08 -65.94 -18.67
C LYS C 345 8.26 -64.43 -18.70
N PHE C 346 8.04 -63.76 -17.57
CA PHE C 346 8.28 -62.32 -17.46
C PHE C 346 9.62 -62.06 -16.80
N ILE C 347 10.25 -60.96 -17.20
CA ILE C 347 11.51 -60.52 -16.61
C ILE C 347 11.36 -59.05 -16.23
N TYR C 348 11.33 -58.79 -14.92
CA TYR C 348 11.23 -57.42 -14.41
C TYR C 348 12.64 -56.88 -14.18
N TYR C 349 12.96 -55.75 -14.82
CA TYR C 349 14.27 -55.12 -14.68
C TYR C 349 14.09 -53.81 -13.90
N GLY C 350 14.45 -53.83 -12.62
CA GLY C 350 14.35 -52.64 -11.79
C GLY C 350 15.50 -51.67 -12.05
N ILE C 351 15.18 -50.44 -12.44
CA ILE C 351 16.17 -49.46 -12.86
C ILE C 351 15.91 -48.14 -12.13
N GLY C 352 16.72 -47.14 -12.46
CA GLY C 352 16.62 -45.82 -11.87
C GLY C 352 17.87 -44.99 -12.12
N ASP C 353 17.78 -43.67 -11.93
CA ASP C 353 18.93 -42.80 -12.12
C ASP C 353 19.17 -41.90 -10.91
N ASP C 354 19.51 -40.65 -11.16
CA ASP C 354 19.71 -39.66 -10.11
C ASP C 354 18.44 -38.85 -9.82
N THR C 355 17.34 -39.12 -10.52
CA THR C 355 16.08 -38.42 -10.30
C THR C 355 14.99 -39.30 -9.73
N GLY C 356 14.89 -40.55 -10.21
CA GLY C 356 13.91 -41.48 -9.69
C GLY C 356 14.23 -42.89 -10.11
N LYS C 357 13.37 -43.82 -9.67
CA LYS C 357 13.50 -45.23 -10.01
C LYS C 357 12.15 -45.75 -10.50
N MET C 358 12.15 -46.98 -11.02
CA MET C 358 10.96 -47.56 -11.61
C MET C 358 11.23 -49.02 -11.95
N GLU C 359 10.19 -49.69 -12.43
CA GLU C 359 10.28 -51.05 -12.96
C GLU C 359 10.11 -51.02 -14.47
N VAL C 360 10.75 -51.97 -15.13
CA VAL C 360 10.67 -52.13 -16.58
C VAL C 360 10.37 -53.59 -16.88
N VAL C 361 9.14 -53.87 -17.31
CA VAL C 361 8.69 -55.23 -17.56
C VAL C 361 9.00 -55.60 -19.00
N VAL C 362 9.34 -56.88 -19.21
CA VAL C 362 9.65 -57.40 -20.53
C VAL C 362 9.03 -58.78 -20.67
N TYR C 363 8.31 -59.00 -21.76
CA TYR C 363 7.73 -60.30 -22.05
C TYR C 363 7.81 -60.55 -23.55
N GLY C 364 7.95 -61.83 -23.91
CA GLY C 364 8.05 -62.22 -25.29
C GLY C 364 9.46 -62.59 -25.71
N ARG C 365 9.81 -62.27 -26.96
CA ARG C 365 11.12 -62.63 -27.50
C ARG C 365 12.24 -62.01 -26.69
N LEU C 366 12.05 -60.78 -26.21
CA LEU C 366 13.12 -60.03 -25.57
C LEU C 366 13.62 -60.68 -24.29
N THR C 367 12.98 -61.76 -23.83
CA THR C 367 13.53 -62.52 -22.71
C THR C 367 14.89 -63.12 -23.07
N ASN C 368 15.14 -63.34 -24.36
CA ASN C 368 16.43 -63.86 -24.81
C ASN C 368 17.57 -62.87 -24.59
N VAL C 369 17.25 -61.60 -24.30
CA VAL C 369 18.29 -60.65 -23.94
C VAL C 369 18.94 -61.09 -22.65
N ARG C 370 20.26 -61.15 -22.64
CA ARG C 370 21.04 -61.56 -21.48
C ARG C 370 21.59 -60.31 -20.80
N CYS C 371 21.06 -59.98 -19.63
CA CYS C 371 21.54 -58.85 -18.86
C CYS C 371 21.36 -59.13 -17.37
N GLU C 372 22.21 -58.52 -16.58
CA GLU C 372 22.20 -58.64 -15.12
C GLU C 372 22.54 -57.28 -14.54
N PRO C 373 22.22 -57.04 -13.26
CA PRO C 373 22.60 -55.78 -12.63
C PRO C 373 24.10 -55.56 -12.68
N GLY C 374 24.50 -54.29 -12.89
CA GLY C 374 25.89 -53.93 -13.01
C GLY C 374 26.30 -53.39 -14.36
N SER C 375 25.40 -53.35 -15.33
CA SER C 375 25.68 -52.79 -16.64
C SER C 375 24.45 -52.05 -17.14
N LYS C 376 24.69 -51.07 -18.01
CA LYS C 376 23.64 -50.19 -18.52
C LYS C 376 22.85 -50.91 -19.62
N LEU C 377 21.78 -50.25 -20.08
CA LEU C 377 20.85 -50.88 -21.01
C LEU C 377 20.13 -49.80 -21.82
N ARG C 378 19.96 -50.07 -23.12
CA ARG C 378 19.27 -49.17 -24.04
C ARG C 378 17.86 -49.68 -24.29
N LEU C 379 16.90 -48.76 -24.39
CA LEU C 379 15.51 -49.10 -24.63
C LEU C 379 14.96 -48.31 -25.81
N VAL C 380 14.02 -48.92 -26.53
CA VAL C 380 13.40 -48.32 -27.71
C VAL C 380 11.94 -48.75 -27.77
N CYS C 381 11.04 -47.76 -27.84
CA CYS C 381 9.62 -47.98 -28.16
C CYS C 381 8.94 -48.88 -27.12
N PHE C 382 9.02 -48.47 -25.86
CA PHE C 382 8.29 -49.10 -24.77
C PHE C 382 7.16 -48.20 -24.33
N GLU C 383 5.98 -48.78 -24.13
CA GLU C 383 4.85 -48.00 -23.67
C GLU C 383 5.05 -47.55 -22.23
N LEU C 384 4.27 -46.56 -21.81
CA LEU C 384 4.33 -46.02 -20.46
C LEU C 384 3.08 -46.43 -19.70
N THR C 385 3.28 -47.16 -18.60
CA THR C 385 2.20 -47.58 -17.71
C THR C 385 2.61 -47.31 -16.26
N SER C 386 1.67 -47.49 -15.35
CA SER C 386 1.94 -47.30 -13.93
C SER C 386 0.87 -48.03 -13.14
N THR C 387 1.23 -48.42 -11.92
CA THR C 387 0.33 -49.13 -11.02
C THR C 387 0.19 -48.33 -9.72
N GLU C 388 -0.53 -48.93 -8.76
CA GLU C 388 -0.57 -48.38 -7.41
C GLU C 388 0.82 -48.30 -6.80
N ASP C 389 1.66 -49.31 -7.06
CA ASP C 389 2.99 -49.36 -6.47
C ASP C 389 3.95 -48.40 -7.17
N GLY C 390 4.28 -48.69 -8.43
CA GLY C 390 5.24 -47.86 -9.15
C GLY C 390 4.96 -47.84 -10.65
N TRP C 391 5.71 -46.98 -11.33
CA TRP C 391 5.58 -46.82 -12.77
C TRP C 391 6.24 -48.00 -13.50
N GLN C 392 5.90 -48.14 -14.77
CA GLN C 392 6.37 -49.28 -15.56
C GLN C 392 6.56 -48.85 -17.01
N LEU C 393 7.43 -49.58 -17.71
CA LEU C 393 7.66 -49.41 -19.16
C LEU C 393 7.71 -50.82 -19.76
N ARG C 394 6.56 -51.30 -20.22
CA ARG C 394 6.41 -52.67 -20.66
C ARG C 394 6.80 -52.84 -22.13
N SER C 395 7.13 -54.09 -22.48
CA SER C 395 7.54 -54.40 -23.84
C SER C 395 6.33 -54.57 -24.74
N VAL C 396 6.31 -53.86 -25.86
CA VAL C 396 5.21 -53.94 -26.81
C VAL C 396 5.70 -54.62 -28.08
N ARG C 397 4.96 -54.45 -29.17
CA ARG C 397 5.26 -55.20 -30.39
C ARG C 397 6.53 -54.70 -31.07
N HIS C 398 6.69 -53.38 -31.16
CA HIS C 398 7.86 -52.79 -31.82
C HIS C 398 8.99 -52.50 -30.85
N SER C 399 9.13 -53.29 -29.79
CA SER C 399 10.14 -53.04 -28.79
C SER C 399 11.52 -53.52 -29.28
N TYR C 400 12.55 -53.01 -28.62
CA TYR C 400 13.94 -53.42 -28.88
C TYR C 400 14.78 -52.97 -27.70
N MET C 401 15.83 -53.74 -27.42
CA MET C 401 16.77 -53.39 -26.35
C MET C 401 18.04 -54.20 -26.53
N GLN C 402 19.13 -53.67 -25.97
CA GLN C 402 20.42 -54.34 -26.01
C GLN C 402 21.32 -53.75 -24.94
N VAL C 403 22.19 -54.60 -24.38
CA VAL C 403 23.14 -54.18 -23.31
C VAL C 403 24.34 -53.50 -23.97
N ILE C 404 25.00 -52.59 -23.24
CA ILE C 404 26.20 -51.87 -23.77
C ILE C 404 27.44 -52.33 -23.02
N ASN C 405 28.58 -51.57 -23.18
CA ASN C 405 29.85 -51.91 -22.49
C ASN C 405 29.59 -52.11 -21.00
#